data_8I0Q
#
_entry.id   8I0Q
#
loop_
_entity.id
_entity.type
_entity.pdbx_description
1 polymer Beta-arrestin-1
2 polymer 'Fab30 Heavy Chain'
3 polymer 'Fab30 Light Chain'
4 polymer 'C-X-C chemokine receptor type 4'
#
loop_
_entity_poly.entity_id
_entity_poly.type
_entity_poly.pdbx_seq_one_letter_code
_entity_poly.pdbx_strand_id
1 'polypeptide(L)'
;MGDKGTRVFKKASPNGKLTVYLGKRDFVDHIDLVDPVDGVVLVDPEYLKERRVYVTLTCAFRYGREDLDVLGLTFRKDLF
VANVQSFPPAPEDKKPLTRLQERLIKKLGEHAYPFTFEIPPNLPCSVTLQPGPEDTGKACGVDYEVKAFCAENLEEKIHK
RNSVRLVIRKVQYAPERPGPQPTAETTRQFLMSDKPLHLEASLDKEIYYHGEPISVNVHVTNNTNKTVKKIKISVRQYAD
ICLFNTAQYKCPVAMEEADDTVAPSSTFCKVYTLTPFLANNREKRGLALDGKLKHEDTNLASSTLLREGANREILGIIVS
YKVKVKLVVSRGGLLGDLASSDVAVELPFTLMHPKPKEEPPHREVPESETPVDTNLIELDTNDDDIVFEDFARQRLKGMK
DDKDEEDDGTGSPHLNNR
;
A,B
2 'polypeptide(L)'
;EISEVQLVESGGGLVQPGGSLRLSCAASGFNVYSSSIHWVRQAPGKGLEWVASISSYYGYTYYADSVKGRFTISADTSKN
TAYLQMNSLRAEDTAVYYCARSRQFWYSGLDYWGQGTLVTVSSASTKGPSVFPLAPSSKSTSGGTAALGCLVKDYFPEPV
TVSWNSGALTSGVHTFPAVLQSSGLYSLSSVVTVPSSSLGTQTYICNVNHKPSNTKVDKKVEPKSCDKTHHHHHHHH
;
H,I
3 'polypeptide(L)'
;SDIQMTQSPSSLSASVGDRVTITCRASQSVSSAVAWYQQKPGKAPKLLIYSASSLYSGVPSRFSGSRSGTDFTLTISSLQ
PEDFATYYCQQYKYVPVTFGQGTKVEIKRTVAAPSVFIFPPSDSQLKSGTASVVCLLNNFYPREAKVQWKVDNALQSGNS
QESVTEQDSKDSTYSLSSTLTLSKADYEKHKVYACEVTHQGLSSPVTKSFNRGEC
;
L,M
4 'polypeptide(L)' GHSSV(SEP)(TPO)E(SEP)E(SEP)(SEP)(SEP)FH(SEP)(SEP) U,V
#
# COMPACT_ATOMS: atom_id res chain seq x y z
N THR A 6 43.27 38.40 -4.08
CA THR A 6 43.75 38.10 -2.70
C THR A 6 44.53 36.78 -2.67
N ARG A 7 43.81 35.68 -2.83
CA ARG A 7 44.43 34.36 -2.80
C ARG A 7 43.69 33.44 -3.76
N VAL A 8 44.40 32.42 -4.24
CA VAL A 8 43.86 31.49 -5.22
C VAL A 8 44.40 30.09 -4.94
N PHE A 9 43.82 29.11 -5.62
CA PHE A 9 44.26 27.72 -5.51
C PHE A 9 45.29 27.41 -6.59
N LYS A 10 45.90 26.23 -6.49
CA LYS A 10 46.85 25.79 -7.50
C LYS A 10 47.12 24.30 -7.30
N LYS A 11 47.52 23.65 -8.40
CA LYS A 11 47.88 22.24 -8.37
C LYS A 11 48.87 21.98 -9.49
N ALA A 12 49.68 20.93 -9.33
CA ALA A 12 50.75 20.62 -10.26
C ALA A 12 50.71 19.14 -10.61
N SER A 13 51.39 18.81 -11.71
CA SER A 13 51.37 17.45 -12.23
C SER A 13 52.49 16.61 -11.64
N PRO A 14 52.36 15.28 -11.69
CA PRO A 14 53.44 14.42 -11.17
C PRO A 14 54.75 14.63 -11.91
N ASN A 15 54.71 14.97 -13.19
CA ASN A 15 55.92 15.14 -14.00
C ASN A 15 56.69 16.39 -13.65
N GLY A 16 56.23 17.19 -12.68
CA GLY A 16 56.98 18.40 -12.33
C GLY A 16 57.16 19.34 -13.49
N LYS A 17 56.15 19.47 -14.36
CA LYS A 17 56.23 20.36 -15.50
C LYS A 17 54.97 21.18 -15.74
N LEU A 18 53.88 20.91 -15.03
CA LEU A 18 52.62 21.63 -15.23
C LEU A 18 52.11 22.16 -13.90
N THR A 19 51.42 23.29 -13.96
CA THR A 19 50.80 23.89 -12.78
C THR A 19 49.55 24.62 -13.22
N VAL A 20 48.47 24.47 -12.44
CA VAL A 20 47.18 25.05 -12.76
C VAL A 20 46.82 26.05 -11.67
N TYR A 21 45.87 26.94 -11.99
CA TYR A 21 45.47 28.00 -11.08
C TYR A 21 44.00 28.30 -11.29
N LEU A 22 43.25 28.36 -10.19
CA LEU A 22 41.81 28.60 -10.23
C LEU A 22 41.43 29.68 -9.22
N GLY A 23 40.39 30.44 -9.54
CA GLY A 23 39.92 31.48 -8.66
C GLY A 23 38.86 31.01 -7.68
N LYS A 24 38.21 29.89 -7.99
CA LYS A 24 37.18 29.35 -7.11
C LYS A 24 36.85 27.94 -7.58
N ARG A 25 36.20 27.18 -6.70
CA ARG A 25 35.79 25.82 -7.00
C ARG A 25 34.28 25.64 -7.12
N ASP A 26 33.48 26.50 -6.50
CA ASP A 26 32.04 26.45 -6.59
C ASP A 26 31.56 27.51 -7.58
N PHE A 27 30.66 27.12 -8.48
CA PHE A 27 30.19 27.99 -9.53
C PHE A 27 28.67 28.05 -9.49
N VAL A 28 28.14 29.27 -9.58
CA VAL A 28 26.73 29.55 -9.32
C VAL A 28 25.94 29.41 -10.61
N ASP A 29 24.73 28.87 -10.50
CA ASP A 29 23.77 28.84 -11.60
C ASP A 29 22.56 29.67 -11.20
N HIS A 30 22.20 30.63 -12.05
CA HIS A 30 21.09 31.53 -11.79
C HIS A 30 19.81 31.13 -12.52
N ILE A 31 19.77 29.94 -13.10
CA ILE A 31 18.62 29.47 -13.87
C ILE A 31 18.50 30.28 -15.15
N ASP A 32 18.30 31.59 -15.02
CA ASP A 32 18.24 32.46 -16.20
C ASP A 32 19.59 32.58 -16.89
N LEU A 33 20.68 32.22 -16.22
CA LEU A 33 22.00 32.24 -16.80
C LEU A 33 22.91 31.35 -15.97
N VAL A 34 24.19 31.30 -16.32
CA VAL A 34 25.17 30.48 -15.61
C VAL A 34 26.51 31.20 -15.63
N ASP A 35 27.31 30.93 -14.61
CA ASP A 35 28.60 31.61 -14.49
C ASP A 35 29.56 31.09 -15.55
N PRO A 36 30.45 31.93 -16.07
CA PRO A 36 31.53 31.43 -16.94
C PRO A 36 32.72 30.96 -16.12
N VAL A 37 33.49 30.05 -16.72
CA VAL A 37 34.66 29.46 -16.08
C VAL A 37 35.86 29.66 -17.00
N ASP A 38 36.99 30.03 -16.40
CA ASP A 38 38.20 30.28 -17.17
C ASP A 38 39.39 30.30 -16.22
N GLY A 39 40.58 30.28 -16.80
CA GLY A 39 41.80 30.32 -16.01
C GLY A 39 43.02 30.28 -16.88
N VAL A 40 44.17 30.10 -16.24
CA VAL A 40 45.46 30.06 -16.94
C VAL A 40 46.26 28.89 -16.38
N VAL A 41 47.21 28.41 -17.20
CA VAL A 41 48.02 27.25 -16.86
C VAL A 41 49.47 27.56 -17.17
N LEU A 42 50.37 27.22 -16.25
CA LEU A 42 51.80 27.31 -16.50
C LEU A 42 52.28 26.02 -17.16
N VAL A 43 53.32 26.15 -17.99
CA VAL A 43 53.79 25.03 -18.80
C VAL A 43 55.30 25.09 -18.90
N ASP A 44 55.91 23.94 -19.15
CA ASP A 44 57.34 23.83 -19.39
C ASP A 44 57.58 23.56 -20.87
N PRO A 45 58.15 24.52 -21.62
CA PRO A 45 58.31 24.30 -23.07
C PRO A 45 59.21 23.13 -23.41
N GLU A 46 60.42 23.11 -22.86
CA GLU A 46 61.36 22.05 -23.17
C GLU A 46 60.84 20.67 -22.80
N TYR A 47 59.92 20.58 -21.85
CA TYR A 47 59.36 19.29 -21.46
C TYR A 47 58.49 18.67 -22.55
N LEU A 48 58.17 19.41 -23.60
CA LEU A 48 57.31 18.92 -24.67
C LEU A 48 57.90 19.32 -26.01
N LYS A 49 57.89 18.36 -26.94
CA LYS A 49 58.31 18.60 -28.31
C LYS A 49 57.27 18.17 -29.33
N GLU A 50 56.16 17.58 -28.89
CA GLU A 50 55.11 17.15 -29.82
C GLU A 50 54.46 18.33 -30.53
N ARG A 51 54.58 19.54 -29.99
CA ARG A 51 53.96 20.73 -30.56
C ARG A 51 52.43 20.70 -30.46
N ARG A 52 51.90 20.03 -29.43
CA ARG A 52 50.46 19.97 -29.24
C ARG A 52 50.17 19.74 -27.77
N VAL A 53 49.26 20.53 -27.21
CA VAL A 53 48.86 20.43 -25.82
C VAL A 53 47.34 20.59 -25.76
N TYR A 54 46.69 19.79 -24.90
CA TYR A 54 45.24 19.75 -24.89
C TYR A 54 44.73 19.66 -23.46
N VAL A 55 43.56 20.26 -23.24
CA VAL A 55 42.82 20.12 -21.99
C VAL A 55 41.35 20.02 -22.34
N THR A 56 40.54 19.59 -21.38
CA THR A 56 39.14 19.29 -21.68
C THR A 56 38.32 19.37 -20.40
N LEU A 57 37.39 20.32 -20.36
CA LEU A 57 36.35 20.32 -19.35
C LEU A 57 35.24 19.36 -19.77
N THR A 58 34.65 18.69 -18.79
CA THR A 58 33.64 17.67 -19.09
C THR A 58 32.72 17.50 -17.90
N CYS A 59 31.47 17.16 -18.21
CA CYS A 59 30.47 16.84 -17.21
C CYS A 59 29.80 15.53 -17.59
N ALA A 60 29.57 14.68 -16.59
CA ALA A 60 28.96 13.38 -16.81
C ALA A 60 28.32 12.89 -15.53
N PHE A 61 27.38 11.96 -15.67
CA PHE A 61 26.79 11.29 -14.52
C PHE A 61 27.50 9.95 -14.33
N ARG A 62 28.11 9.78 -13.15
CA ARG A 62 28.98 8.63 -12.91
C ARG A 62 28.60 7.97 -11.60
N TYR A 63 28.63 6.65 -11.59
CA TYR A 63 28.31 5.86 -10.41
C TYR A 63 28.57 4.40 -10.74
N GLY A 64 28.44 3.55 -9.71
CA GLY A 64 28.68 2.13 -9.87
C GLY A 64 28.06 1.55 -11.12
N ARG A 65 28.89 0.96 -11.98
CA ARG A 65 28.41 0.39 -13.23
C ARG A 65 27.86 -1.01 -13.00
N GLU A 66 26.58 -1.20 -13.28
CA GLU A 66 25.92 -2.48 -13.07
C GLU A 66 26.19 -3.01 -11.67
N ASP A 67 27.14 -3.94 -11.53
CA ASP A 67 27.51 -4.50 -10.24
C ASP A 67 29.01 -4.69 -10.13
N LEU A 68 29.80 -3.88 -10.84
CA LEU A 68 31.24 -4.04 -10.85
C LEU A 68 31.82 -3.51 -9.54
N ASP A 69 32.35 -4.43 -8.73
CA ASP A 69 32.96 -4.06 -7.45
C ASP A 69 34.38 -3.53 -7.61
N VAL A 70 35.01 -3.75 -8.77
CA VAL A 70 36.36 -3.24 -8.98
C VAL A 70 36.35 -1.72 -8.95
N LEU A 71 37.34 -1.14 -8.28
CA LEU A 71 37.39 0.31 -8.12
C LEU A 71 37.45 0.99 -9.48
N GLY A 72 36.65 2.05 -9.63
CA GLY A 72 36.64 2.83 -10.86
C GLY A 72 35.78 2.29 -11.97
N LEU A 73 35.15 1.13 -11.78
CA LEU A 73 34.26 0.57 -12.80
C LEU A 73 32.89 1.22 -12.70
N THR A 74 32.77 2.47 -13.17
CA THR A 74 31.55 3.23 -13.06
C THR A 74 31.10 3.66 -14.45
N PHE A 75 29.79 3.56 -14.69
CA PHE A 75 29.23 4.03 -15.95
C PHE A 75 29.54 5.52 -16.13
N ARG A 76 29.91 5.89 -17.35
CA ARG A 76 30.30 7.25 -17.68
C ARG A 76 29.39 7.78 -18.78
N LYS A 77 28.36 8.51 -18.39
CA LYS A 77 27.41 9.10 -19.33
C LYS A 77 27.77 10.57 -19.52
N ASP A 78 28.21 10.93 -20.72
CA ASP A 78 28.73 12.26 -21.00
C ASP A 78 27.59 13.22 -21.33
N LEU A 79 27.01 13.79 -20.28
CA LEU A 79 25.95 14.77 -20.47
C LEU A 79 26.45 16.01 -21.19
N PHE A 80 27.73 16.32 -21.05
CA PHE A 80 28.31 17.49 -21.70
C PHE A 80 29.82 17.31 -21.83
N VAL A 81 30.35 17.66 -22.99
CA VAL A 81 31.78 17.53 -23.27
C VAL A 81 32.22 18.78 -24.04
N ALA A 82 33.37 19.33 -23.66
CA ALA A 82 33.96 20.46 -24.36
C ALA A 82 35.47 20.41 -24.19
N ASN A 83 36.19 20.73 -25.26
CA ASN A 83 37.63 20.57 -25.27
C ASN A 83 38.27 21.73 -26.03
N VAL A 84 39.54 21.96 -25.73
CA VAL A 84 40.32 23.02 -26.38
C VAL A 84 41.77 22.59 -26.42
N GLN A 85 42.44 22.92 -27.53
CA GLN A 85 43.88 22.71 -27.63
C GLN A 85 44.57 23.84 -26.87
N SER A 86 45.06 23.53 -25.67
CA SER A 86 45.62 24.56 -24.81
C SER A 86 46.77 25.31 -25.48
N PHE A 87 47.59 24.60 -26.26
CA PHE A 87 48.74 25.22 -26.92
C PHE A 87 49.16 24.31 -28.06
N PRO A 88 49.53 24.87 -29.23
CA PRO A 88 49.63 26.29 -29.60
C PRO A 88 48.27 27.00 -29.68
N PRO A 89 48.28 28.33 -29.68
CA PRO A 89 47.02 29.07 -29.77
C PRO A 89 46.35 28.87 -31.12
N ALA A 90 45.08 29.23 -31.17
CA ALA A 90 44.26 29.09 -32.36
C ALA A 90 43.51 30.40 -32.59
N PRO A 91 43.10 30.66 -33.83
CA PRO A 91 42.37 31.92 -34.09
C PRO A 91 41.05 32.02 -33.35
N GLU A 92 40.50 30.90 -32.89
CA GLU A 92 39.26 30.93 -32.11
C GLU A 92 39.46 31.49 -30.71
N ASP A 93 40.69 31.74 -30.28
CA ASP A 93 40.99 32.26 -28.97
C ASP A 93 40.99 33.78 -28.92
N LYS A 94 40.70 34.46 -30.03
CA LYS A 94 40.70 35.92 -30.07
C LYS A 94 39.47 36.47 -29.36
N LYS A 95 39.40 36.31 -28.05
CA LYS A 95 38.31 36.78 -27.24
C LYS A 95 38.86 37.49 -26.01
N PRO A 96 38.09 38.39 -25.42
CA PRO A 96 38.60 39.15 -24.26
C PRO A 96 38.90 38.24 -23.08
N LEU A 97 39.53 38.82 -22.06
CA LEU A 97 39.95 38.10 -20.87
C LEU A 97 39.64 38.94 -19.64
N THR A 98 39.67 38.30 -18.49
CA THR A 98 39.38 38.97 -17.23
C THR A 98 40.64 39.65 -16.67
N ARG A 99 40.42 40.61 -15.78
CA ARG A 99 41.52 41.37 -15.21
C ARG A 99 42.46 40.46 -14.41
N LEU A 100 41.87 39.56 -13.61
CA LEU A 100 42.70 38.66 -12.81
C LEU A 100 43.59 37.79 -13.69
N GLN A 101 43.09 37.41 -14.87
CA GLN A 101 43.89 36.58 -15.77
C GLN A 101 45.15 37.31 -16.19
N GLU A 102 45.02 38.54 -16.69
CA GLU A 102 46.20 39.30 -17.08
C GLU A 102 47.09 39.61 -15.88
N ARG A 103 46.44 39.81 -14.75
CA ARG A 103 47.24 40.02 -13.53
C ARG A 103 48.19 38.84 -13.40
N LEU A 104 47.63 37.63 -13.34
CA LEU A 104 48.43 36.44 -13.13
C LEU A 104 49.43 36.22 -14.25
N ILE A 105 49.08 36.60 -15.48
CA ILE A 105 50.05 36.53 -16.58
C ILE A 105 51.27 37.37 -16.25
N LYS A 106 51.06 38.60 -15.81
CA LYS A 106 52.19 39.45 -15.42
C LYS A 106 52.93 38.82 -14.24
N LYS A 107 52.17 38.29 -13.28
CA LYS A 107 52.79 37.65 -12.12
C LYS A 107 53.69 36.48 -12.52
N LEU A 108 53.38 35.84 -13.65
CA LEU A 108 54.10 34.65 -14.08
C LEU A 108 55.00 34.91 -15.27
N GLY A 109 54.73 35.96 -16.04
CA GLY A 109 55.44 36.20 -17.28
C GLY A 109 54.73 35.61 -18.47
N GLU A 110 55.31 35.84 -19.65
CA GLU A 110 54.70 35.42 -20.91
C GLU A 110 55.00 33.96 -21.25
N HIS A 111 54.74 33.04 -20.33
CA HIS A 111 54.89 31.61 -20.58
C HIS A 111 53.76 30.84 -19.94
N ALA A 112 52.54 31.36 -20.06
CA ALA A 112 51.35 30.69 -19.58
C ALA A 112 50.19 31.04 -20.50
N TYR A 113 49.23 30.12 -20.62
CA TYR A 113 48.19 30.28 -21.62
C TYR A 113 46.82 30.12 -20.99
N PRO A 114 45.81 30.82 -21.50
CA PRO A 114 44.49 30.82 -20.84
C PRO A 114 43.61 29.68 -21.33
N PHE A 115 42.44 29.58 -20.69
CA PHE A 115 41.40 28.68 -21.11
C PHE A 115 40.07 29.19 -20.58
N THR A 116 38.99 28.81 -21.25
CA THR A 116 37.68 29.33 -20.89
C THR A 116 36.61 28.34 -21.36
N PHE A 117 35.47 28.37 -20.68
CA PHE A 117 34.32 27.56 -21.04
C PHE A 117 33.05 28.25 -20.58
N GLU A 118 31.94 27.91 -21.23
CA GLU A 118 30.63 28.41 -20.84
C GLU A 118 29.66 27.24 -20.82
N ILE A 119 28.98 27.07 -19.70
CA ILE A 119 28.09 25.92 -19.49
C ILE A 119 26.79 26.18 -20.24
N PRO A 120 26.24 25.21 -20.96
CA PRO A 120 24.89 25.36 -21.49
C PRO A 120 23.86 25.17 -20.40
N PRO A 121 22.87 26.07 -20.29
CA PRO A 121 21.93 25.99 -19.16
C PRO A 121 21.17 24.68 -19.14
N ASN A 122 20.52 24.44 -18.00
CA ASN A 122 19.64 23.28 -17.84
C ASN A 122 20.41 21.96 -17.86
N LEU A 123 21.52 21.91 -17.10
CA LEU A 123 22.22 20.66 -16.89
C LEU A 123 22.09 20.21 -15.44
N PRO A 124 22.19 18.91 -15.17
CA PRO A 124 22.05 18.44 -13.79
C PRO A 124 23.06 19.09 -12.86
N CYS A 125 22.62 19.35 -11.64
CA CYS A 125 23.44 20.00 -10.62
C CYS A 125 24.14 18.94 -9.76
N SER A 126 25.10 19.41 -8.96
CA SER A 126 25.87 18.53 -8.09
C SER A 126 24.93 17.85 -7.10
N VAL A 127 25.10 16.54 -6.94
CA VAL A 127 24.29 15.76 -6.01
C VAL A 127 25.01 14.44 -5.73
N THR A 128 24.72 13.86 -4.57
CA THR A 128 25.31 12.59 -4.16
C THR A 128 24.25 11.74 -3.49
N LEU A 129 24.47 10.43 -3.54
CA LEU A 129 23.56 9.45 -2.95
C LEU A 129 24.20 8.87 -1.69
N GLN A 130 23.41 8.80 -0.62
CA GLN A 130 23.91 8.34 0.67
C GLN A 130 24.54 6.96 0.51
N PRO A 131 25.86 6.82 0.65
CA PRO A 131 26.50 5.51 0.53
C PRO A 131 26.47 4.77 1.86
N GLY A 132 25.93 3.55 1.84
CA GLY A 132 25.88 2.74 3.03
C GLY A 132 27.25 2.23 3.43
N PRO A 133 27.34 1.61 4.62
CA PRO A 133 28.64 1.08 5.04
C PRO A 133 29.26 0.11 4.05
N GLU A 134 28.45 -0.73 3.41
CA GLU A 134 28.97 -1.64 2.40
C GLU A 134 29.50 -0.90 1.18
N ASP A 135 29.07 0.35 0.98
CA ASP A 135 29.51 1.15 -0.18
C ASP A 135 30.90 1.72 0.07
N THR A 136 31.87 0.81 0.22
CA THR A 136 33.26 1.22 0.45
C THR A 136 33.90 1.82 -0.80
N GLY A 137 33.34 1.60 -1.97
CA GLY A 137 33.88 2.18 -3.18
C GLY A 137 33.64 3.67 -3.24
N LYS A 138 34.13 4.27 -4.32
CA LYS A 138 34.00 5.71 -4.51
C LYS A 138 32.52 6.09 -4.53
N ALA A 139 32.28 7.39 -4.39
CA ALA A 139 30.92 7.89 -4.24
C ALA A 139 30.19 7.92 -5.59
N CYS A 140 28.87 7.99 -5.51
CA CYS A 140 28.00 8.06 -6.68
C CYS A 140 27.23 9.36 -6.65
N GLY A 141 27.25 10.07 -7.79
CA GLY A 141 26.52 11.33 -7.87
C GLY A 141 26.86 12.05 -9.15
N VAL A 142 26.32 13.26 -9.26
CA VAL A 142 26.55 14.15 -10.39
C VAL A 142 27.88 14.86 -10.16
N ASP A 143 28.69 14.96 -11.21
CA ASP A 143 30.02 15.53 -11.10
C ASP A 143 30.30 16.48 -12.25
N TYR A 144 31.10 17.51 -11.96
CA TYR A 144 31.65 18.40 -12.96
C TYR A 144 33.16 18.44 -12.77
N GLU A 145 33.90 18.14 -13.82
CA GLU A 145 35.34 17.97 -13.68
C GLU A 145 36.04 18.44 -14.95
N VAL A 146 37.33 18.69 -14.82
CA VAL A 146 38.16 19.12 -15.94
C VAL A 146 39.53 18.48 -15.78
N LYS A 147 40.19 18.24 -16.91
CA LYS A 147 41.47 17.57 -16.93
C LYS A 147 42.39 18.26 -17.92
N ALA A 148 43.70 18.12 -17.68
CA ALA A 148 44.72 18.72 -18.52
C ALA A 148 45.70 17.66 -18.95
N PHE A 149 46.21 17.79 -20.19
CA PHE A 149 47.05 16.76 -20.78
C PHE A 149 47.78 17.30 -22.01
N CYS A 150 48.43 16.43 -22.76
CA CYS A 150 49.16 16.83 -23.95
C CYS A 150 49.46 15.57 -24.77
N ALA A 151 49.75 15.78 -26.05
CA ALA A 151 50.07 14.68 -26.95
C ALA A 151 50.42 15.24 -28.32
N GLU A 152 50.92 14.36 -29.18
CA GLU A 152 51.22 14.72 -30.56
C GLU A 152 50.11 14.33 -31.52
N ASN A 153 49.25 13.40 -31.14
CA ASN A 153 48.12 13.00 -31.96
C ASN A 153 46.90 12.85 -31.06
N LEU A 154 45.78 13.44 -31.49
CA LEU A 154 44.58 13.44 -30.66
C LEU A 154 44.11 12.03 -30.31
N GLU A 155 44.41 11.03 -31.15
CA GLU A 155 44.05 9.66 -30.82
C GLU A 155 44.76 9.20 -29.56
N GLU A 156 45.87 9.83 -29.19
CA GLU A 156 46.60 9.44 -27.99
C GLU A 156 45.70 9.53 -26.77
N LYS A 157 45.78 8.52 -25.91
CA LYS A 157 44.94 8.43 -24.72
C LYS A 157 45.67 9.10 -23.54
N ILE A 158 45.12 8.95 -22.34
CA ILE A 158 45.73 9.57 -21.16
C ILE A 158 47.09 8.93 -20.87
N HIS A 159 47.92 9.66 -20.13
CA HIS A 159 49.20 9.17 -19.64
C HIS A 159 49.30 9.50 -18.16
N LYS A 160 49.66 8.50 -17.36
CA LYS A 160 49.57 8.63 -15.91
C LYS A 160 50.44 9.77 -15.40
N ARG A 161 51.73 9.77 -15.76
CA ARG A 161 52.66 10.74 -15.19
C ARG A 161 52.44 12.15 -15.71
N ASN A 162 51.74 12.31 -16.83
CA ASN A 162 51.60 13.59 -17.50
C ASN A 162 50.14 14.04 -17.60
N SER A 163 49.37 13.94 -16.53
CA SER A 163 47.98 14.38 -16.55
C SER A 163 47.59 14.91 -15.18
N VAL A 164 46.57 15.77 -15.17
CA VAL A 164 46.04 16.34 -13.94
C VAL A 164 44.57 16.66 -14.16
N ARG A 165 43.79 16.49 -13.08
CA ARG A 165 42.34 16.69 -13.13
C ARG A 165 41.91 17.63 -12.02
N LEU A 166 40.68 18.11 -12.12
CA LEU A 166 40.09 18.99 -11.12
C LEU A 166 38.59 18.77 -11.08
N VAL A 167 37.98 19.12 -9.95
CA VAL A 167 36.56 18.94 -9.72
C VAL A 167 35.96 20.25 -9.25
N ILE A 168 34.67 20.44 -9.55
CA ILE A 168 33.92 21.61 -9.12
C ILE A 168 32.51 21.17 -8.76
N ARG A 169 31.70 22.12 -8.31
CA ARG A 169 30.32 21.87 -7.95
C ARG A 169 29.40 22.87 -8.64
N LYS A 170 28.25 22.37 -9.09
CA LYS A 170 27.19 23.19 -9.68
C LYS A 170 26.08 23.31 -8.66
N VAL A 171 25.87 24.53 -8.14
CA VAL A 171 24.98 24.77 -7.02
C VAL A 171 23.97 25.84 -7.40
N GLN A 172 23.11 26.16 -6.43
CA GLN A 172 22.06 27.16 -6.59
C GLN A 172 21.81 27.82 -5.24
N TYR A 173 21.25 29.03 -5.30
CA TYR A 173 20.94 29.80 -4.10
C TYR A 173 19.47 30.19 -4.10
N ALA A 174 18.96 30.45 -2.90
CA ALA A 174 17.55 30.76 -2.74
C ALA A 174 17.20 32.02 -3.53
N PRO A 175 16.14 32.01 -4.33
CA PRO A 175 15.69 33.26 -4.95
C PRO A 175 15.35 34.29 -3.90
N GLU A 176 15.67 35.55 -4.19
CA GLU A 176 15.50 36.61 -3.20
C GLU A 176 14.03 36.97 -3.01
N ARG A 177 13.27 37.08 -4.09
CA ARG A 177 11.88 37.48 -3.99
C ARG A 177 11.07 36.42 -3.24
N PRO A 178 10.11 36.83 -2.42
CA PRO A 178 9.27 35.85 -1.73
C PRO A 178 8.31 35.15 -2.67
N GLY A 179 7.89 33.96 -2.29
CA GLY A 179 6.96 33.18 -3.08
C GLY A 179 5.60 33.10 -2.43
N PRO A 180 4.65 32.42 -3.11
CA PRO A 180 3.31 32.30 -2.54
C PRO A 180 3.28 31.39 -1.33
N GLN A 181 2.25 31.56 -0.51
CA GLN A 181 2.05 30.73 0.67
C GLN A 181 1.17 29.55 0.30
N PRO A 182 1.73 28.35 0.08
CA PRO A 182 0.90 27.23 -0.38
C PRO A 182 -0.04 26.75 0.71
N THR A 183 -1.30 26.51 0.34
CA THR A 183 -2.28 25.93 1.24
C THR A 183 -3.24 25.08 0.39
N ALA A 184 -3.86 24.10 1.04
CA ALA A 184 -4.73 23.17 0.33
C ALA A 184 -5.82 22.67 1.26
N GLU A 185 -7.03 22.54 0.71
CA GLU A 185 -8.17 21.98 1.42
C GLU A 185 -8.74 20.82 0.61
N THR A 186 -9.35 19.88 1.31
CA THR A 186 -9.91 18.70 0.66
C THR A 186 -11.22 18.32 1.35
N THR A 187 -12.06 17.59 0.61
CA THR A 187 -13.35 17.15 1.12
C THR A 187 -13.49 15.65 0.88
N ARG A 188 -14.17 14.97 1.81
CA ARG A 188 -14.40 13.54 1.70
C ARG A 188 -15.85 13.26 2.06
N GLN A 189 -16.52 12.45 1.25
CA GLN A 189 -17.89 12.02 1.49
C GLN A 189 -17.92 10.54 1.85
N PHE A 190 -19.04 10.11 2.41
CA PHE A 190 -19.27 8.72 2.76
C PHE A 190 -20.67 8.30 2.32
N LEU A 191 -20.83 6.99 2.15
CA LEU A 191 -21.97 6.44 1.40
C LEU A 191 -23.23 6.25 2.23
N MET A 192 -23.14 6.35 3.55
CA MET A 192 -24.31 6.20 4.41
C MET A 192 -24.70 7.48 5.13
N SER A 193 -23.89 8.54 5.03
CA SER A 193 -24.23 9.84 5.61
C SER A 193 -23.65 10.90 4.66
N ASP A 194 -24.52 11.80 4.21
CA ASP A 194 -24.15 12.77 3.19
C ASP A 194 -23.57 14.05 3.81
N LYS A 195 -23.00 13.93 5.00
CA LYS A 195 -22.28 15.06 5.62
C LYS A 195 -20.79 14.85 5.40
N PRO A 196 -20.22 15.39 4.33
CA PRO A 196 -18.84 15.05 3.97
C PRO A 196 -17.83 15.66 4.92
N LEU A 197 -16.70 14.98 5.05
CA LEU A 197 -15.57 15.51 5.78
C LEU A 197 -14.89 16.61 4.99
N HIS A 198 -14.30 17.58 5.70
CA HIS A 198 -13.52 18.63 5.09
C HIS A 198 -12.23 18.81 5.89
N LEU A 199 -11.15 19.16 5.19
CA LEU A 199 -9.83 19.27 5.80
C LEU A 199 -9.04 20.36 5.09
N GLU A 200 -8.10 20.96 5.82
CA GLU A 200 -7.27 22.03 5.28
C GLU A 200 -5.97 22.09 6.07
N ALA A 201 -4.88 22.42 5.38
CA ALA A 201 -3.58 22.58 6.00
C ALA A 201 -2.86 23.76 5.36
N SER A 202 -2.11 24.51 6.16
CA SER A 202 -1.41 25.69 5.67
C SER A 202 -0.03 25.75 6.29
N LEU A 203 0.87 26.47 5.62
CA LEU A 203 2.26 26.59 6.03
C LEU A 203 2.60 28.06 6.24
N ASP A 204 3.81 28.31 6.75
CA ASP A 204 4.26 29.67 6.99
C ASP A 204 4.77 30.31 5.70
N LYS A 205 5.75 29.70 5.06
CA LYS A 205 6.30 30.20 3.81
C LYS A 205 6.73 29.03 2.95
N GLU A 206 7.17 29.33 1.73
CA GLU A 206 7.49 28.31 0.75
C GLU A 206 8.99 28.04 0.61
N ILE A 207 9.84 28.88 1.20
CA ILE A 207 11.28 28.67 1.20
C ILE A 207 11.75 28.58 2.65
N TYR A 208 12.84 27.84 2.87
CA TYR A 208 13.38 27.66 4.20
C TYR A 208 14.87 27.38 4.12
N TYR A 209 15.53 27.52 5.26
CA TYR A 209 16.95 27.22 5.39
C TYR A 209 17.14 25.94 6.20
N HIS A 210 18.24 25.25 5.92
CA HIS A 210 18.50 23.99 6.60
C HIS A 210 18.63 24.22 8.10
N GLY A 211 18.01 23.34 8.87
CA GLY A 211 18.02 23.44 10.32
C GLY A 211 16.93 24.34 10.85
N GLU A 212 16.23 25.04 9.96
CA GLU A 212 15.16 25.92 10.39
C GLU A 212 13.85 25.15 10.50
N PRO A 213 13.17 25.18 11.65
CA PRO A 213 11.91 24.44 11.78
C PRO A 213 10.83 25.00 10.86
N ILE A 214 9.93 24.11 10.45
CA ILE A 214 8.78 24.47 9.64
C ILE A 214 7.52 24.10 10.41
N SER A 215 6.53 24.98 10.38
CA SER A 215 5.29 24.79 11.12
C SER A 215 4.12 24.73 10.15
N VAL A 216 3.09 23.98 10.54
CA VAL A 216 1.90 23.78 9.73
C VAL A 216 0.67 24.00 10.61
N ASN A 217 -0.35 24.62 10.03
CA ASN A 217 -1.63 24.81 10.70
C ASN A 217 -2.68 23.99 9.98
N VAL A 218 -3.44 23.20 10.74
CA VAL A 218 -4.40 22.26 10.20
C VAL A 218 -5.76 22.50 10.84
N HIS A 219 -6.80 22.47 10.01
CA HIS A 219 -8.18 22.63 10.47
C HIS A 219 -8.96 21.36 10.14
N VAL A 220 -9.81 20.94 11.06
CA VAL A 220 -10.52 19.67 10.96
C VAL A 220 -12.01 19.94 10.98
N THR A 221 -12.75 19.25 10.10
CA THR A 221 -14.19 19.41 9.98
C THR A 221 -14.83 18.01 10.00
N ASN A 222 -15.18 17.54 11.20
CA ASN A 222 -15.81 16.23 11.37
C ASN A 222 -17.33 16.42 11.37
N ASN A 223 -17.95 16.06 10.25
CA ASN A 223 -19.37 16.29 10.05
C ASN A 223 -20.22 15.03 10.16
N THR A 224 -19.60 13.87 10.32
CA THR A 224 -20.31 12.60 10.28
C THR A 224 -20.29 11.92 11.65
N ASN A 225 -20.90 10.74 11.71
CA ASN A 225 -21.00 10.02 12.97
C ASN A 225 -19.67 9.45 13.44
N LYS A 226 -18.82 8.99 12.53
CA LYS A 226 -17.55 8.40 12.89
C LYS A 226 -16.65 9.46 13.54
N THR A 227 -15.49 9.03 14.04
CA THR A 227 -14.59 9.91 14.76
C THR A 227 -13.17 9.69 14.28
N VAL A 228 -12.39 10.76 14.28
CA VAL A 228 -10.98 10.70 13.91
C VAL A 228 -10.21 10.05 15.04
N LYS A 229 -9.25 9.20 14.68
CA LYS A 229 -8.44 8.47 15.66
C LYS A 229 -6.98 8.88 15.66
N LYS A 230 -6.38 9.17 14.50
CA LYS A 230 -4.99 9.55 14.45
C LYS A 230 -4.77 10.50 13.28
N ILE A 231 -3.68 11.25 13.34
CA ILE A 231 -3.27 12.15 12.27
C ILE A 231 -1.78 11.95 12.06
N LYS A 232 -1.41 11.55 10.84
CA LYS A 232 -0.01 11.30 10.52
C LYS A 232 0.61 12.54 9.90
N ILE A 233 1.86 12.80 10.24
CA ILE A 233 2.63 13.93 9.71
C ILE A 233 3.78 13.37 8.89
N SER A 234 3.89 13.82 7.64
CA SER A 234 4.87 13.28 6.72
C SER A 234 5.63 14.39 6.03
N VAL A 235 6.96 14.25 5.99
CA VAL A 235 7.84 15.08 5.19
C VAL A 235 8.71 14.14 4.37
N ARG A 236 8.47 14.08 3.06
CA ARG A 236 9.05 13.06 2.21
C ARG A 236 9.83 13.70 1.08
N GLN A 237 11.06 13.22 0.88
CA GLN A 237 11.86 13.64 -0.26
C GLN A 237 11.42 12.89 -1.51
N TYR A 238 11.40 13.58 -2.64
CA TYR A 238 11.09 12.99 -3.94
C TYR A 238 12.34 12.97 -4.78
N ALA A 239 12.66 11.80 -5.35
CA ALA A 239 13.87 11.59 -6.12
C ALA A 239 13.50 11.33 -7.57
N ASP A 240 14.12 12.08 -8.48
CA ASP A 240 13.96 11.90 -9.91
C ASP A 240 15.24 11.27 -10.46
N ILE A 241 15.08 10.16 -11.16
CA ILE A 241 16.21 9.36 -11.64
C ILE A 241 16.08 9.22 -13.15
N CYS A 242 17.18 9.43 -13.87
CA CYS A 242 17.19 9.29 -15.31
C CYS A 242 18.58 8.92 -15.80
N LEU A 243 18.80 7.61 -16.03
CA LEU A 243 20.03 7.15 -16.66
C LEU A 243 19.71 6.51 -18.00
N PHE A 244 18.87 5.47 -18.00
CA PHE A 244 18.41 4.88 -19.24
C PHE A 244 16.99 5.32 -19.56
N ASN A 245 16.13 5.35 -18.54
CA ASN A 245 14.76 5.86 -18.67
C ASN A 245 14.43 6.64 -17.41
N THR A 246 13.15 6.97 -17.22
CA THR A 246 12.73 7.77 -16.08
C THR A 246 12.17 6.86 -15.00
N ALA A 247 12.48 7.19 -13.75
CA ALA A 247 11.97 6.46 -12.60
C ALA A 247 11.78 7.44 -11.45
N GLN A 248 10.86 7.10 -10.54
CA GLN A 248 10.50 7.97 -9.44
C GLN A 248 10.26 7.13 -8.19
N TYR A 249 10.84 7.57 -7.08
CA TYR A 249 10.57 6.97 -5.78
C TYR A 249 11.03 7.94 -4.70
N LYS A 250 10.44 7.81 -3.52
CA LYS A 250 10.62 8.79 -2.45
C LYS A 250 10.95 8.08 -1.15
N CYS A 251 11.58 8.82 -0.23
CA CYS A 251 11.93 8.32 1.08
C CYS A 251 11.57 9.37 2.13
N PRO A 252 10.98 8.96 3.26
CA PRO A 252 10.65 9.93 4.30
C PRO A 252 11.86 10.30 5.14
N VAL A 253 12.03 11.59 5.37
CA VAL A 253 13.11 12.05 6.24
C VAL A 253 12.66 12.08 7.70
N ALA A 254 11.40 12.47 7.95
CA ALA A 254 10.86 12.52 9.30
C ALA A 254 9.35 12.36 9.22
N MET A 255 8.74 12.04 10.35
CA MET A 255 7.29 11.87 10.42
C MET A 255 6.86 11.90 11.88
N GLU A 256 5.57 12.20 12.08
CA GLU A 256 4.98 12.20 13.41
C GLU A 256 3.50 11.85 13.28
N GLU A 257 2.97 11.21 14.32
CA GLU A 257 1.57 10.77 14.36
C GLU A 257 0.91 11.42 15.57
N ALA A 258 0.08 12.42 15.33
CA ALA A 258 -0.62 13.08 16.42
C ALA A 258 -1.67 12.16 17.01
N ASP A 259 -1.89 12.30 18.32
CA ASP A 259 -2.84 11.46 19.05
C ASP A 259 -4.22 12.10 19.19
N ASP A 260 -4.43 13.26 18.56
CA ASP A 260 -5.71 13.96 18.72
C ASP A 260 -6.86 13.16 18.12
N THR A 261 -8.03 13.33 18.71
CA THR A 261 -9.25 12.70 18.22
C THR A 261 -10.37 13.74 18.23
N VAL A 262 -11.37 13.52 17.38
CA VAL A 262 -12.45 14.48 17.18
C VAL A 262 -13.78 13.78 17.36
N ALA A 263 -14.70 14.42 18.09
CA ALA A 263 -16.01 13.85 18.33
C ALA A 263 -16.88 13.94 17.08
N PRO A 264 -17.94 13.14 17.00
CA PRO A 264 -18.82 13.19 15.82
C PRO A 264 -19.42 14.58 15.62
N SER A 265 -19.56 14.96 14.35
CA SER A 265 -20.21 16.21 13.98
C SER A 265 -19.58 17.40 14.72
N SER A 266 -18.27 17.56 14.55
CA SER A 266 -17.54 18.63 15.22
C SER A 266 -16.36 19.05 14.34
N THR A 267 -15.63 20.05 14.82
CA THR A 267 -14.50 20.61 14.11
C THR A 267 -13.37 20.90 15.09
N PHE A 268 -12.15 20.97 14.56
CA PHE A 268 -10.98 21.23 15.39
C PHE A 268 -9.85 21.78 14.53
N CYS A 269 -8.94 22.51 15.17
CA CYS A 269 -7.78 23.08 14.51
C CYS A 269 -6.58 22.94 15.43
N LYS A 270 -5.39 22.91 14.84
CA LYS A 270 -4.16 22.81 15.61
C LYS A 270 -2.97 23.12 14.72
N VAL A 271 -1.78 23.12 15.32
CA VAL A 271 -0.53 23.44 14.64
C VAL A 271 0.53 22.43 15.08
N TYR A 272 1.43 22.09 14.16
CA TYR A 272 2.50 21.14 14.42
C TYR A 272 3.79 21.65 13.79
N THR A 273 4.91 21.17 14.31
CA THR A 273 6.23 21.59 13.84
C THR A 273 7.16 20.40 13.73
N LEU A 274 7.96 20.36 12.66
CA LEU A 274 8.93 19.30 12.42
C LEU A 274 10.24 19.92 11.95
N THR A 275 11.31 19.15 12.08
CA THR A 275 12.64 19.58 11.66
C THR A 275 13.37 18.41 11.02
N PRO A 276 13.89 18.57 9.81
CA PRO A 276 14.74 17.53 9.23
C PRO A 276 16.18 17.69 9.64
N PHE A 277 16.86 16.56 9.80
CA PHE A 277 18.28 16.56 10.14
C PHE A 277 18.89 15.22 9.79
N LEU A 278 20.21 15.22 9.62
CA LEU A 278 20.92 14.03 9.14
C LEU A 278 20.99 12.95 10.21
N ALA A 279 21.23 13.35 11.46
CA ALA A 279 21.63 12.39 12.49
C ALA A 279 20.70 11.18 12.54
N ASN A 280 19.39 11.41 12.45
CA ASN A 280 18.42 10.33 12.53
C ASN A 280 18.24 9.59 11.22
N ASN A 281 19.12 9.80 10.24
CA ASN A 281 18.94 9.19 8.93
C ASN A 281 20.23 8.66 8.32
N ARG A 282 21.31 8.53 9.09
CA ARG A 282 22.58 8.06 8.56
C ARG A 282 22.45 6.70 7.90
N GLU A 283 21.72 5.78 8.53
CA GLU A 283 21.64 4.40 8.06
C GLU A 283 21.03 4.28 6.67
N LYS A 284 20.09 5.16 6.31
CA LYS A 284 19.32 4.99 5.08
C LYS A 284 20.20 5.20 3.86
N ARG A 285 20.11 4.28 2.90
CA ARG A 285 20.86 4.40 1.65
C ARG A 285 20.20 5.41 0.73
N GLY A 286 21.00 5.97 -0.18
CA GLY A 286 20.47 6.71 -1.30
C GLY A 286 19.79 8.01 -0.96
N LEU A 287 19.90 8.49 0.26
CA LEU A 287 19.32 9.79 0.59
C LEU A 287 19.95 10.87 -0.27
N ALA A 288 19.16 11.90 -0.57
CA ALA A 288 19.63 12.99 -1.40
C ALA A 288 20.61 13.85 -0.62
N LEU A 289 21.85 13.92 -1.10
CA LEU A 289 22.91 14.67 -0.44
C LEU A 289 23.59 15.59 -1.44
N ASP A 290 23.80 16.84 -1.03
CA ASP A 290 24.50 17.79 -1.89
C ASP A 290 25.87 17.26 -2.27
N GLY A 291 26.38 17.70 -3.42
CA GLY A 291 27.63 17.22 -3.94
C GLY A 291 28.80 17.38 -2.98
N LYS A 292 29.48 16.28 -2.69
CA LYS A 292 30.68 16.32 -1.89
C LYS A 292 31.86 16.81 -2.74
N LEU A 293 33.01 16.98 -2.10
CA LEU A 293 34.24 17.29 -2.81
C LEU A 293 35.17 16.09 -2.90
N LYS A 294 35.65 15.59 -1.76
CA LYS A 294 36.26 14.26 -1.72
C LYS A 294 35.57 13.36 -0.72
N HIS A 295 35.52 13.80 0.55
CA HIS A 295 34.92 12.98 1.60
C HIS A 295 34.17 13.80 2.64
N GLU A 296 33.73 15.01 2.32
CA GLU A 296 33.15 15.91 3.31
C GLU A 296 31.71 15.50 3.61
N ASP A 297 31.34 15.61 4.90
CA ASP A 297 30.00 15.26 5.36
C ASP A 297 29.02 16.39 5.04
N THR A 298 28.75 16.55 3.74
CA THR A 298 27.83 17.58 3.30
C THR A 298 26.43 17.32 3.83
N ASN A 299 25.69 18.40 4.05
CA ASN A 299 24.35 18.29 4.59
C ASN A 299 23.40 17.70 3.55
N LEU A 300 22.12 17.62 3.92
CA LEU A 300 21.12 17.05 3.03
C LEU A 300 21.06 17.84 1.73
N ALA A 301 20.64 17.18 0.66
CA ALA A 301 20.57 17.82 -0.64
C ALA A 301 19.54 18.94 -0.64
N SER A 302 19.86 20.03 -1.31
CA SER A 302 18.91 21.13 -1.44
C SER A 302 17.99 20.89 -2.63
N SER A 303 16.78 21.43 -2.54
CA SER A 303 15.80 21.29 -3.60
C SER A 303 16.32 21.91 -4.88
N THR A 304 16.20 21.20 -6.00
CA THR A 304 16.71 21.70 -7.26
C THR A 304 15.61 22.41 -8.04
N LEU A 305 15.75 23.73 -8.18
CA LEU A 305 14.78 24.49 -8.95
C LEU A 305 14.90 24.15 -10.43
N LEU A 306 13.75 24.06 -11.09
CA LEU A 306 13.73 23.71 -12.51
C LEU A 306 14.25 24.87 -13.33
N ARG A 307 14.27 24.67 -14.65
CA ARG A 307 14.76 25.70 -15.58
C ARG A 307 13.66 26.71 -15.87
N GLU A 308 13.19 27.40 -14.84
CA GLU A 308 12.15 28.40 -15.00
C GLU A 308 10.94 27.73 -15.67
N GLY A 309 10.18 28.48 -16.46
CA GLY A 309 9.01 27.93 -17.12
C GLY A 309 9.32 27.02 -18.28
N ALA A 310 10.59 26.83 -18.62
CA ALA A 310 10.95 25.98 -19.76
C ALA A 310 10.40 24.57 -19.59
N ASN A 311 10.59 23.97 -18.41
CA ASN A 311 10.06 22.63 -18.12
C ASN A 311 10.53 21.62 -19.16
N ARG A 312 11.80 21.70 -19.55
CA ARG A 312 12.35 20.76 -20.52
C ARG A 312 12.58 19.40 -19.87
N GLU A 313 12.77 18.39 -20.72
CA GLU A 313 13.01 17.02 -20.27
C GLU A 313 14.50 16.82 -19.98
N ILE A 314 14.97 17.51 -18.96
CA ILE A 314 16.38 17.43 -18.60
C ILE A 314 16.72 16.01 -18.18
N LEU A 315 18.01 15.67 -18.31
CA LEU A 315 18.52 14.38 -17.90
C LEU A 315 18.98 14.47 -16.44
N GLY A 316 19.61 13.41 -15.95
CA GLY A 316 20.21 13.48 -14.63
C GLY A 316 19.20 13.36 -13.50
N ILE A 317 19.56 13.97 -12.37
CA ILE A 317 18.81 13.84 -11.12
C ILE A 317 18.15 15.16 -10.80
N ILE A 318 16.93 15.09 -10.29
CA ILE A 318 16.19 16.27 -9.83
C ILE A 318 15.50 15.92 -8.53
N VAL A 319 15.41 16.90 -7.63
CA VAL A 319 14.94 16.66 -6.27
C VAL A 319 13.95 17.74 -5.90
N SER A 320 13.01 17.38 -5.01
CA SER A 320 12.05 18.31 -4.44
C SER A 320 11.48 17.67 -3.19
N TYR A 321 10.64 18.41 -2.48
CA TYR A 321 10.07 17.94 -1.21
C TYR A 321 8.61 18.33 -1.12
N LYS A 322 7.84 17.52 -0.40
CA LYS A 322 6.43 17.79 -0.15
C LYS A 322 6.05 17.26 1.22
N VAL A 323 5.18 18.00 1.90
CA VAL A 323 4.66 17.58 3.20
C VAL A 323 3.26 17.01 3.01
N LYS A 324 2.96 15.92 3.72
CA LYS A 324 1.68 15.26 3.58
C LYS A 324 1.16 14.86 4.96
N VAL A 325 -0.16 14.78 5.07
CA VAL A 325 -0.84 14.41 6.32
C VAL A 325 -2.00 13.49 5.98
N LYS A 326 -2.18 12.46 6.81
CA LYS A 326 -3.26 11.49 6.63
C LYS A 326 -4.05 11.37 7.92
N LEU A 327 -5.31 10.97 7.79
CA LEU A 327 -6.22 10.85 8.92
C LEU A 327 -6.70 9.41 9.06
N VAL A 328 -6.69 8.91 10.29
CA VAL A 328 -7.21 7.58 10.59
C VAL A 328 -8.62 7.72 11.16
N VAL A 329 -9.58 7.10 10.49
CA VAL A 329 -10.99 7.18 10.89
C VAL A 329 -11.42 5.81 11.42
N SER A 330 -12.09 5.82 12.56
CA SER A 330 -12.52 4.56 13.19
C SER A 330 -13.44 3.78 12.26
N ARG A 331 -13.17 2.49 12.13
CA ARG A 331 -14.02 1.62 11.33
C ARG A 331 -15.33 1.35 12.07
N GLY A 332 -16.35 0.98 11.31
CA GLY A 332 -17.64 0.68 11.92
C GLY A 332 -18.74 0.56 10.88
N GLY A 333 -19.98 0.68 11.35
CA GLY A 333 -21.11 0.55 10.47
C GLY A 333 -21.26 -0.87 9.97
N LEU A 334 -21.91 -1.00 8.82
CA LEU A 334 -22.10 -2.29 8.17
C LEU A 334 -20.93 -2.70 7.29
N LEU A 335 -19.75 -2.10 7.50
CA LEU A 335 -18.61 -2.31 6.63
C LEU A 335 -17.47 -3.05 7.33
N GLY A 336 -17.05 -2.58 8.50
CA GLY A 336 -15.94 -3.24 9.18
C GLY A 336 -14.65 -3.09 8.40
N ASP A 337 -13.82 -4.13 8.47
CA ASP A 337 -12.51 -4.09 7.82
C ASP A 337 -12.60 -4.09 6.29
N LEU A 338 -13.79 -4.34 5.74
CA LEU A 338 -13.92 -4.54 4.30
C LEU A 338 -13.59 -3.28 3.50
N ALA A 339 -14.00 -2.11 3.99
CA ALA A 339 -13.86 -0.87 3.22
C ALA A 339 -12.61 -0.10 3.60
N SER A 340 -12.46 1.12 3.08
CA SER A 340 -11.35 1.99 3.40
C SER A 340 -11.89 3.28 4.01
N SER A 341 -11.06 3.92 4.83
CA SER A 341 -11.55 5.01 5.68
C SER A 341 -10.69 6.28 5.58
N ASP A 342 -9.39 6.13 5.38
CA ASP A 342 -8.44 7.22 5.58
C ASP A 342 -8.58 8.30 4.51
N VAL A 343 -8.15 9.51 4.87
CA VAL A 343 -8.09 10.65 3.98
C VAL A 343 -6.75 11.34 4.20
N ALA A 344 -6.28 12.07 3.18
CA ALA A 344 -4.97 12.71 3.28
C ALA A 344 -4.88 13.87 2.30
N VAL A 345 -3.89 14.74 2.55
CA VAL A 345 -3.57 15.85 1.68
C VAL A 345 -2.10 16.20 1.88
N GLU A 346 -1.52 16.89 0.91
CA GLU A 346 -0.11 17.24 0.98
C GLU A 346 0.16 18.54 0.25
N LEU A 347 1.25 19.20 0.61
CA LEU A 347 1.67 20.46 0.02
C LEU A 347 3.15 20.41 -0.32
N PRO A 348 3.59 21.17 -1.33
CA PRO A 348 5.03 21.25 -1.62
C PRO A 348 5.68 22.41 -0.89
N PHE A 349 7.01 22.46 -0.99
CA PHE A 349 7.79 23.53 -0.40
C PHE A 349 9.21 23.46 -0.94
N THR A 350 10.09 24.29 -0.39
CA THR A 350 11.47 24.39 -0.84
C THR A 350 12.40 24.47 0.36
N LEU A 351 13.59 23.87 0.22
CA LEU A 351 14.64 23.95 1.22
C LEU A 351 15.96 24.14 0.52
N MET A 352 16.70 25.17 0.91
CA MET A 352 17.97 25.49 0.26
C MET A 352 18.62 26.65 1.00
N HIS A 353 19.99 26.75 0.85
CA HIS A 353 20.75 27.78 1.53
C HIS A 353 20.61 29.12 0.82
N PRO A 354 20.79 30.24 1.54
CA PRO A 354 20.84 31.54 0.88
C PRO A 354 22.12 31.72 0.09
N LYS A 355 22.15 32.80 -0.69
CA LYS A 355 23.36 33.13 -1.43
C LYS A 355 24.45 33.58 -0.45
N PRO A 356 25.67 33.04 -0.56
CA PRO A 356 26.75 33.50 0.33
C PRO A 356 26.98 34.99 0.19
N LYS A 357 27.23 35.65 1.31
CA LYS A 357 27.41 37.10 1.30
C LYS A 357 28.72 37.50 0.62
N GLU A 358 29.84 37.13 1.23
CA GLU A 358 31.14 37.46 0.66
C GLU A 358 32.11 36.28 0.80
N GLU A 359 31.61 35.12 1.20
CA GLU A 359 32.49 33.97 1.44
C GLU A 359 31.73 32.67 1.24
N PRO A 360 32.00 31.91 0.20
CA PRO A 360 31.36 30.59 0.04
C PRO A 360 31.84 29.63 1.10
N PRO A 361 31.05 28.60 1.43
CA PRO A 361 31.44 27.69 2.52
C PRO A 361 32.84 27.11 2.35
N HIS A 362 33.58 27.06 3.46
CA HIS A 362 34.92 26.50 3.45
C HIS A 362 34.86 24.97 3.39
N ARG A 363 36.04 24.35 3.50
CA ARG A 363 36.16 22.90 3.41
C ARG A 363 36.34 22.32 4.82
N GLU A 364 35.21 22.04 5.47
CA GLU A 364 35.23 21.34 6.76
C GLU A 364 36.09 22.08 7.77
N VAL A 365 35.67 23.28 8.17
CA VAL A 365 36.43 24.14 9.08
C VAL A 365 36.97 23.31 10.24
N PRO A 366 36.12 22.60 11.01
CA PRO A 366 36.66 21.85 12.16
C PRO A 366 37.48 20.63 11.74
N GLU A 367 38.68 20.90 11.23
CA GLU A 367 39.57 19.82 10.81
C GLU A 367 40.02 19.01 12.02
N SER A 368 39.83 17.69 11.93
CA SER A 368 40.21 16.79 13.02
C SER A 368 40.98 15.59 12.47
N THR B 6 -49.38 -28.17 -12.27
CA THR B 6 -48.85 -29.21 -11.35
C THR B 6 -49.07 -28.83 -9.90
N ARG B 7 -48.32 -27.85 -9.43
CA ARG B 7 -48.40 -27.42 -8.04
C ARG B 7 -47.98 -25.96 -7.96
N VAL B 8 -48.44 -25.29 -6.88
CA VAL B 8 -48.19 -23.87 -6.68
C VAL B 8 -48.08 -23.60 -5.18
N PHE B 9 -47.59 -22.41 -4.86
CA PHE B 9 -47.49 -21.96 -3.48
C PHE B 9 -48.75 -21.20 -3.08
N LYS B 10 -48.89 -20.94 -1.78
CA LYS B 10 -50.00 -20.15 -1.28
C LYS B 10 -49.72 -19.75 0.17
N LYS B 11 -50.40 -18.70 0.61
CA LYS B 11 -50.30 -18.23 1.99
C LYS B 11 -51.57 -17.47 2.33
N ALA B 12 -51.83 -17.35 3.63
CA ALA B 12 -53.07 -16.76 4.11
C ALA B 12 -52.77 -15.75 5.22
N SER B 13 -53.74 -14.87 5.45
CA SER B 13 -53.56 -13.80 6.42
C SER B 13 -53.91 -14.25 7.84
N PRO B 14 -53.39 -13.56 8.85
CA PRO B 14 -53.77 -13.91 10.23
C PRO B 14 -55.25 -13.77 10.49
N ASN B 15 -55.92 -12.82 9.82
CA ASN B 15 -57.34 -12.58 10.02
C ASN B 15 -58.22 -13.69 9.44
N GLY B 16 -57.64 -14.71 8.83
CA GLY B 16 -58.45 -15.80 8.30
C GLY B 16 -59.46 -15.34 7.27
N LYS B 17 -59.08 -14.38 6.43
CA LYS B 17 -59.97 -13.89 5.38
C LYS B 17 -59.28 -13.67 4.05
N LEU B 18 -57.97 -13.88 3.94
CA LEU B 18 -57.24 -13.66 2.70
C LEU B 18 -56.36 -14.87 2.41
N THR B 19 -56.17 -15.14 1.11
CA THR B 19 -55.29 -16.21 0.66
C THR B 19 -54.66 -15.79 -0.65
N VAL B 20 -53.35 -16.01 -0.75
CA VAL B 20 -52.58 -15.61 -1.93
C VAL B 20 -52.07 -16.85 -2.63
N TYR B 21 -51.72 -16.70 -3.91
CA TYR B 21 -51.28 -17.82 -4.72
C TYR B 21 -50.21 -17.33 -5.69
N LEU B 22 -49.11 -18.08 -5.78
CA LEU B 22 -47.99 -17.71 -6.64
C LEU B 22 -47.57 -18.93 -7.46
N GLY B 23 -47.09 -18.68 -8.68
CA GLY B 23 -46.63 -19.76 -9.53
C GLY B 23 -45.14 -20.04 -9.37
N LYS B 24 -44.40 -19.07 -8.85
CA LYS B 24 -42.97 -19.23 -8.62
C LYS B 24 -42.49 -18.07 -7.76
N ARG B 25 -41.31 -18.27 -7.16
CA ARG B 25 -40.70 -17.26 -6.31
C ARG B 25 -39.44 -16.64 -6.91
N ASP B 26 -38.77 -17.32 -7.83
CA ASP B 26 -37.60 -16.80 -8.50
C ASP B 26 -38.00 -16.33 -9.89
N PHE B 27 -37.57 -15.12 -10.26
CA PHE B 27 -37.94 -14.51 -11.52
C PHE B 27 -36.69 -14.10 -12.28
N VAL B 28 -36.68 -14.38 -13.58
CA VAL B 28 -35.48 -14.32 -14.39
C VAL B 28 -35.40 -12.96 -15.07
N ASP B 29 -34.19 -12.42 -15.17
CA ASP B 29 -33.91 -11.22 -15.93
C ASP B 29 -32.98 -11.60 -17.08
N HIS B 30 -33.37 -11.27 -18.30
CA HIS B 30 -32.59 -11.60 -19.49
C HIS B 30 -31.76 -10.42 -20.00
N ILE B 31 -31.66 -9.34 -19.22
CA ILE B 31 -30.94 -8.13 -19.63
C ILE B 31 -31.71 -7.45 -20.75
N ASP B 32 -31.88 -8.13 -21.88
CA ASP B 32 -32.65 -7.57 -22.98
C ASP B 32 -34.12 -7.43 -22.64
N LEU B 33 -34.60 -8.12 -21.62
CA LEU B 33 -35.98 -8.04 -21.18
C LEU B 33 -36.05 -8.55 -19.74
N VAL B 34 -37.27 -8.63 -19.20
CA VAL B 34 -37.47 -9.10 -17.84
C VAL B 34 -38.80 -9.86 -17.79
N ASP B 35 -38.89 -10.80 -16.86
CA ASP B 35 -40.08 -11.62 -16.75
C ASP B 35 -41.24 -10.78 -16.19
N PRO B 36 -42.48 -11.04 -16.63
CA PRO B 36 -43.62 -10.42 -15.96
C PRO B 36 -44.09 -11.25 -14.77
N VAL B 37 -44.75 -10.57 -13.84
CA VAL B 37 -45.22 -11.19 -12.61
C VAL B 37 -46.71 -10.89 -12.46
N ASP B 38 -47.47 -11.90 -12.05
CA ASP B 38 -48.91 -11.76 -11.90
C ASP B 38 -49.43 -12.91 -11.04
N GLY B 39 -50.68 -12.78 -10.62
CA GLY B 39 -51.29 -13.81 -9.81
C GLY B 39 -52.71 -13.44 -9.46
N VAL B 40 -53.31 -14.23 -8.56
CA VAL B 40 -54.69 -14.03 -8.14
C VAL B 40 -54.74 -14.18 -6.63
N VAL B 41 -55.76 -13.55 -6.03
CA VAL B 41 -55.93 -13.53 -4.58
C VAL B 41 -57.39 -13.83 -4.26
N LEU B 42 -57.62 -14.69 -3.27
CA LEU B 42 -58.95 -14.95 -2.76
C LEU B 42 -59.27 -13.97 -1.63
N VAL B 43 -60.54 -13.61 -1.52
CA VAL B 43 -60.96 -12.58 -0.58
C VAL B 43 -62.27 -12.99 0.06
N ASP B 44 -62.53 -12.45 1.25
CA ASP B 44 -63.79 -12.65 1.95
C ASP B 44 -64.62 -11.36 1.85
N PRO B 45 -65.74 -11.38 1.13
CA PRO B 45 -66.51 -10.13 0.96
C PRO B 45 -67.06 -9.58 2.26
N GLU B 46 -67.82 -10.40 3.01
CA GLU B 46 -68.45 -9.93 4.22
C GLU B 46 -67.44 -9.45 5.25
N TYR B 47 -66.19 -9.91 5.16
CA TYR B 47 -65.15 -9.49 6.10
C TYR B 47 -64.80 -8.02 5.89
N LEU B 48 -65.22 -7.46 4.76
CA LEU B 48 -64.88 -6.08 4.41
C LEU B 48 -66.13 -5.34 3.97
N LYS B 49 -66.31 -4.13 4.51
CA LYS B 49 -67.34 -3.21 4.07
C LYS B 49 -66.78 -1.86 3.66
N GLU B 50 -65.46 -1.68 3.76
CA GLU B 50 -64.83 -0.40 3.41
C GLU B 50 -64.95 -0.08 1.93
N ARG B 51 -65.19 -1.09 1.09
CA ARG B 51 -65.31 -0.91 -0.36
C ARG B 51 -63.98 -0.55 -1.01
N ARG B 52 -62.85 -0.94 -0.41
CA ARG B 52 -61.56 -0.66 -0.99
C ARG B 52 -60.55 -1.71 -0.53
N VAL B 53 -59.78 -2.22 -1.48
CA VAL B 53 -58.74 -3.21 -1.20
C VAL B 53 -57.54 -2.83 -2.06
N TYR B 54 -56.34 -2.93 -1.48
CA TYR B 54 -55.13 -2.48 -2.15
C TYR B 54 -54.02 -3.48 -1.92
N VAL B 55 -53.14 -3.59 -2.92
CA VAL B 55 -51.91 -4.38 -2.81
C VAL B 55 -50.81 -3.62 -3.52
N THR B 56 -49.56 -3.97 -3.22
CA THR B 56 -48.44 -3.17 -3.71
C THR B 56 -47.19 -4.03 -3.79
N LEU B 57 -46.73 -4.31 -4.99
CA LEU B 57 -45.38 -4.80 -5.20
C LEU B 57 -44.40 -3.63 -5.07
N THR B 58 -43.22 -3.92 -4.52
CA THR B 58 -42.26 -2.85 -4.25
C THR B 58 -40.87 -3.44 -4.19
N CYS B 59 -39.89 -2.65 -4.60
CA CYS B 59 -38.49 -2.99 -4.49
C CYS B 59 -37.75 -1.85 -3.80
N ALA B 60 -36.80 -2.20 -2.94
CA ALA B 60 -36.02 -1.22 -2.20
C ALA B 60 -34.72 -1.85 -1.73
N PHE B 61 -33.74 -1.00 -1.46
CA PHE B 61 -32.50 -1.43 -0.84
C PHE B 61 -32.57 -1.18 0.65
N ARG B 62 -32.45 -2.24 1.44
CA ARG B 62 -32.69 -2.16 2.87
C ARG B 62 -31.55 -2.84 3.63
N TYR B 63 -31.16 -2.24 4.74
CA TYR B 63 -30.10 -2.77 5.59
C TYR B 63 -30.01 -1.90 6.83
N GLY B 64 -29.13 -2.30 7.75
CA GLY B 64 -28.95 -1.57 8.99
C GLY B 64 -28.82 -0.07 8.78
N ARG B 65 -29.72 0.70 9.38
CA ARG B 65 -29.69 2.15 9.25
C ARG B 65 -28.72 2.74 10.27
N GLU B 66 -27.71 3.46 9.77
CA GLU B 66 -26.70 4.07 10.62
C GLU B 66 -26.17 3.06 11.63
N ASP B 67 -26.65 3.14 12.87
CA ASP B 67 -26.28 2.21 13.93
C ASP B 67 -27.50 1.73 14.68
N LEU B 68 -28.64 1.62 14.00
CA LEU B 68 -29.89 1.23 14.63
C LEU B 68 -29.84 -0.25 14.99
N ASP B 69 -29.56 -0.55 16.26
CA ASP B 69 -29.49 -1.93 16.72
C ASP B 69 -30.86 -2.55 16.94
N VAL B 70 -31.88 -1.72 17.22
CA VAL B 70 -33.21 -2.26 17.45
C VAL B 70 -33.67 -3.04 16.23
N LEU B 71 -34.31 -4.19 16.47
CA LEU B 71 -34.70 -5.08 15.39
C LEU B 71 -35.63 -4.36 14.41
N GLY B 72 -35.36 -4.53 13.12
CA GLY B 72 -36.20 -3.99 12.08
C GLY B 72 -35.98 -2.53 11.75
N LEU B 73 -35.10 -1.84 12.48
CA LEU B 73 -34.80 -0.45 12.19
C LEU B 73 -33.73 -0.38 11.10
N THR B 74 -34.18 -0.36 9.85
CA THR B 74 -33.28 -0.39 8.70
C THR B 74 -33.68 0.71 7.72
N PHE B 75 -32.68 1.30 7.09
CA PHE B 75 -32.95 2.31 6.07
C PHE B 75 -33.72 1.67 4.91
N ARG B 76 -34.67 2.42 4.36
CA ARG B 76 -35.53 1.94 3.29
C ARG B 76 -35.45 2.91 2.12
N LYS B 77 -34.71 2.52 1.08
CA LYS B 77 -34.55 3.31 -0.12
C LYS B 77 -35.38 2.67 -1.23
N ASP B 78 -36.41 3.40 -1.68
CA ASP B 78 -37.39 2.85 -2.61
C ASP B 78 -36.91 3.02 -4.04
N LEU B 79 -36.15 2.02 -4.50
CA LEU B 79 -35.66 2.04 -5.88
C LEU B 79 -36.80 1.89 -6.87
N PHE B 80 -37.91 1.28 -6.45
CA PHE B 80 -39.06 1.09 -7.33
C PHE B 80 -40.28 0.78 -6.49
N VAL B 81 -41.41 1.40 -6.85
CA VAL B 81 -42.68 1.20 -6.16
C VAL B 81 -43.79 1.15 -7.20
N ALA B 82 -44.71 0.20 -7.03
CA ALA B 82 -45.88 0.09 -7.89
C ALA B 82 -47.02 -0.51 -7.09
N ASN B 83 -48.22 0.01 -7.31
CA ASN B 83 -49.37 -0.37 -6.50
C ASN B 83 -50.62 -0.41 -7.37
N VAL B 84 -51.62 -1.15 -6.89
CA VAL B 84 -52.89 -1.29 -7.58
C VAL B 84 -53.98 -1.49 -6.54
N GLN B 85 -55.15 -0.90 -6.78
CA GLN B 85 -56.33 -1.19 -5.98
C GLN B 85 -56.87 -2.55 -6.43
N SER B 86 -56.48 -3.61 -5.74
CA SER B 86 -56.82 -4.96 -6.17
C SER B 86 -58.32 -5.12 -6.39
N PHE B 87 -59.13 -4.48 -5.55
CA PHE B 87 -60.57 -4.56 -5.66
C PHE B 87 -61.18 -3.32 -5.01
N PRO B 88 -62.22 -2.72 -5.59
CA PRO B 88 -62.94 -3.09 -6.81
C PRO B 88 -62.12 -2.93 -8.09
N PRO B 89 -62.54 -3.56 -9.18
CA PRO B 89 -61.79 -3.44 -10.44
C PRO B 89 -61.83 -2.04 -10.98
N ALA B 90 -60.93 -1.78 -11.92
CA ALA B 90 -60.78 -0.48 -12.55
C ALA B 90 -60.67 -0.67 -14.06
N PRO B 91 -61.00 0.36 -14.83
CA PRO B 91 -60.90 0.21 -16.30
C PRO B 91 -59.50 -0.06 -16.79
N GLU B 92 -58.47 0.26 -15.98
CA GLU B 92 -57.09 -0.01 -16.37
C GLU B 92 -56.74 -1.49 -16.35
N ASP B 93 -57.63 -2.34 -15.83
CA ASP B 93 -57.39 -3.78 -15.74
C ASP B 93 -57.85 -4.53 -16.99
N LYS B 94 -58.36 -3.84 -18.01
CA LYS B 94 -58.83 -4.50 -19.21
C LYS B 94 -57.66 -4.97 -20.07
N LYS B 95 -56.93 -5.96 -19.58
CA LYS B 95 -55.77 -6.52 -20.26
C LYS B 95 -55.86 -8.03 -20.20
N PRO B 96 -55.21 -8.72 -21.14
CA PRO B 96 -55.27 -10.19 -21.15
C PRO B 96 -54.58 -10.78 -19.93
N LEU B 97 -54.86 -12.06 -19.69
CA LEU B 97 -54.31 -12.79 -18.56
C LEU B 97 -53.81 -14.15 -19.05
N THR B 98 -52.93 -14.76 -18.25
CA THR B 98 -52.41 -16.07 -18.61
C THR B 98 -53.47 -17.14 -18.38
N ARG B 99 -53.35 -18.24 -19.14
CA ARG B 99 -54.37 -19.29 -19.08
C ARG B 99 -54.48 -19.85 -17.67
N LEU B 100 -53.34 -20.10 -17.02
CA LEU B 100 -53.37 -20.66 -15.67
C LEU B 100 -54.19 -19.79 -14.73
N GLN B 101 -54.24 -18.47 -14.98
CA GLN B 101 -55.01 -17.60 -14.11
C GLN B 101 -56.49 -17.94 -14.17
N GLU B 102 -57.06 -18.01 -15.38
CA GLU B 102 -58.47 -18.38 -15.49
C GLU B 102 -58.70 -19.81 -15.02
N ARG B 103 -57.73 -20.70 -15.23
CA ARG B 103 -57.86 -22.06 -14.70
C ARG B 103 -58.00 -22.04 -13.18
N LEU B 104 -57.18 -21.23 -12.50
CA LEU B 104 -57.29 -21.13 -11.05
C LEU B 104 -58.58 -20.44 -10.63
N ILE B 105 -59.04 -19.46 -11.41
CA ILE B 105 -60.34 -18.85 -11.14
C ILE B 105 -61.42 -19.91 -11.12
N LYS B 106 -61.46 -20.74 -12.17
CA LYS B 106 -62.44 -21.82 -12.19
C LYS B 106 -62.25 -22.76 -11.01
N LYS B 107 -61.00 -23.08 -10.69
CA LYS B 107 -60.71 -23.93 -9.53
C LYS B 107 -61.21 -23.30 -8.24
N LEU B 108 -61.37 -21.98 -8.21
CA LEU B 108 -61.77 -21.27 -7.01
C LEU B 108 -63.17 -20.68 -7.10
N GLY B 109 -63.67 -20.46 -8.31
CA GLY B 109 -64.93 -19.77 -8.50
C GLY B 109 -64.73 -18.28 -8.73
N GLU B 110 -65.83 -17.61 -9.05
CA GLU B 110 -65.79 -16.19 -9.39
C GLU B 110 -65.78 -15.28 -8.17
N HIS B 111 -64.86 -15.51 -7.24
CA HIS B 111 -64.70 -14.65 -6.07
C HIS B 111 -63.22 -14.45 -5.77
N ALA B 112 -62.43 -14.26 -6.81
CA ALA B 112 -61.02 -13.96 -6.67
C ALA B 112 -60.62 -13.00 -7.80
N TYR B 113 -59.61 -12.19 -7.54
CA TYR B 113 -59.26 -11.11 -8.45
C TYR B 113 -57.77 -11.14 -8.78
N PRO B 114 -57.39 -10.74 -9.99
CA PRO B 114 -55.99 -10.88 -10.41
C PRO B 114 -55.15 -9.67 -10.04
N PHE B 115 -53.87 -9.78 -10.36
CA PHE B 115 -52.92 -8.67 -10.23
C PHE B 115 -51.72 -8.97 -11.13
N THR B 116 -51.05 -7.91 -11.56
CA THR B 116 -49.96 -8.06 -12.51
C THR B 116 -49.02 -6.87 -12.37
N PHE B 117 -47.75 -7.11 -12.69
CA PHE B 117 -46.73 -6.07 -12.69
C PHE B 117 -45.67 -6.41 -13.72
N GLU B 118 -44.97 -5.38 -14.19
CA GLU B 118 -43.86 -5.54 -15.11
C GLU B 118 -42.68 -4.73 -14.60
N ILE B 119 -41.52 -5.39 -14.50
CA ILE B 119 -40.33 -4.77 -13.93
C ILE B 119 -39.71 -3.82 -14.94
N PRO B 120 -39.29 -2.62 -14.54
CA PRO B 120 -38.48 -1.80 -15.43
C PRO B 120 -37.04 -2.26 -15.43
N PRO B 121 -36.45 -2.49 -16.61
CA PRO B 121 -35.11 -3.09 -16.64
C PRO B 121 -34.07 -2.22 -15.93
N ASN B 122 -32.91 -2.83 -15.70
CA ASN B 122 -31.76 -2.14 -15.13
C ASN B 122 -32.00 -1.76 -13.66
N LEU B 123 -32.58 -2.70 -12.89
CA LEU B 123 -32.66 -2.51 -11.45
C LEU B 123 -31.72 -3.48 -10.72
N PRO B 124 -31.25 -3.12 -9.53
CA PRO B 124 -30.32 -4.00 -8.81
C PRO B 124 -30.93 -5.39 -8.59
N CYS B 125 -30.09 -6.40 -8.69
CA CYS B 125 -30.50 -7.79 -8.52
C CYS B 125 -30.32 -8.21 -7.06
N SER B 126 -30.89 -9.38 -6.74
CA SER B 126 -30.83 -9.92 -5.39
C SER B 126 -29.39 -10.13 -4.96
N VAL B 127 -29.05 -9.71 -3.74
CA VAL B 127 -27.71 -9.86 -3.20
C VAL B 127 -27.78 -9.70 -1.70
N THR B 128 -26.78 -10.26 -1.01
CA THR B 128 -26.69 -10.18 0.44
C THR B 128 -25.24 -10.00 0.85
N LEU B 129 -25.05 -9.42 2.03
CA LEU B 129 -23.73 -9.17 2.58
C LEU B 129 -23.47 -10.14 3.73
N GLN B 130 -22.29 -10.74 3.73
CA GLN B 130 -21.95 -11.75 4.73
C GLN B 130 -22.13 -11.18 6.13
N PRO B 131 -23.12 -11.65 6.90
CA PRO B 131 -23.29 -11.14 8.27
C PRO B 131 -22.41 -11.93 9.24
N GLY B 132 -21.53 -11.21 9.93
CA GLY B 132 -20.66 -11.82 10.91
C GLY B 132 -21.41 -12.23 12.15
N PRO B 133 -20.74 -12.93 13.08
CA PRO B 133 -21.41 -13.34 14.32
C PRO B 133 -22.03 -12.18 15.07
N GLU B 134 -21.36 -11.02 15.10
CA GLU B 134 -21.94 -9.84 15.73
C GLU B 134 -23.19 -9.37 15.01
N ASP B 135 -23.35 -9.73 13.73
CA ASP B 135 -24.52 -9.31 12.95
C ASP B 135 -25.70 -10.25 13.22
N THR B 136 -26.12 -10.26 14.48
CA THR B 136 -27.24 -11.09 14.89
C THR B 136 -28.58 -10.55 14.42
N GLY B 137 -28.62 -9.30 13.95
CA GLY B 137 -29.84 -8.73 13.43
C GLY B 137 -30.20 -9.30 12.08
N LYS B 138 -31.32 -8.80 11.54
CA LYS B 138 -31.79 -9.26 10.25
C LYS B 138 -30.75 -9.02 9.17
N ALA B 139 -30.91 -9.69 8.03
CA ALA B 139 -29.92 -9.66 6.98
C ALA B 139 -29.97 -8.33 6.23
N CYS B 140 -28.86 -8.03 5.54
CA CYS B 140 -28.72 -6.82 4.73
C CYS B 140 -28.47 -7.22 3.28
N GLY B 141 -29.22 -6.62 2.37
CA GLY B 141 -29.04 -6.92 0.97
C GLY B 141 -30.16 -6.32 0.15
N VAL B 142 -30.14 -6.64 -1.15
CA VAL B 142 -31.16 -6.20 -2.09
C VAL B 142 -32.36 -7.12 -1.94
N ASP B 143 -33.55 -6.54 -1.93
CA ASP B 143 -34.78 -7.29 -1.69
C ASP B 143 -35.84 -6.90 -2.70
N TYR B 144 -36.66 -7.88 -3.08
CA TYR B 144 -37.86 -7.66 -3.88
C TYR B 144 -39.02 -8.30 -3.14
N GLU B 145 -40.05 -7.50 -2.84
CA GLU B 145 -41.12 -7.95 -1.97
C GLU B 145 -42.44 -7.35 -2.42
N VAL B 146 -43.52 -7.96 -1.96
CA VAL B 146 -44.88 -7.52 -2.28
C VAL B 146 -45.75 -7.78 -1.07
N LYS B 147 -46.76 -6.93 -0.89
CA LYS B 147 -47.61 -6.99 0.29
C LYS B 147 -49.06 -6.86 -0.12
N ALA B 148 -49.94 -7.39 0.72
CA ALA B 148 -51.38 -7.37 0.48
C ALA B 148 -52.08 -6.74 1.68
N PHE B 149 -53.11 -5.93 1.39
CA PHE B 149 -53.78 -5.17 2.43
C PHE B 149 -55.10 -4.60 1.92
N CYS B 150 -55.75 -3.77 2.72
CA CYS B 150 -57.01 -3.15 2.35
C CYS B 150 -57.27 -2.00 3.31
N ALA B 151 -58.20 -1.12 2.92
CA ALA B 151 -58.53 0.04 3.73
C ALA B 151 -59.72 0.75 3.10
N GLU B 152 -60.25 1.73 3.85
CA GLU B 152 -61.32 2.58 3.35
C GLU B 152 -60.82 3.90 2.78
N ASN B 153 -59.59 4.29 3.11
CA ASN B 153 -58.99 5.51 2.59
C ASN B 153 -57.49 5.28 2.44
N LEU B 154 -56.93 5.80 1.35
CA LEU B 154 -55.53 5.58 1.05
C LEU B 154 -54.62 6.12 2.15
N GLU B 155 -55.07 7.09 2.94
CA GLU B 155 -54.27 7.57 4.07
C GLU B 155 -54.05 6.46 5.10
N GLU B 156 -54.92 5.46 5.11
CA GLU B 156 -54.78 4.37 6.07
C GLU B 156 -53.44 3.68 5.92
N LYS B 157 -52.84 3.32 7.05
CA LYS B 157 -51.54 2.70 7.13
C LYS B 157 -51.70 1.18 7.31
N ILE B 158 -50.59 0.47 7.54
CA ILE B 158 -50.65 -0.97 7.70
C ILE B 158 -51.47 -1.34 8.93
N HIS B 159 -51.99 -2.56 8.93
CA HIS B 159 -52.70 -3.11 10.08
C HIS B 159 -52.21 -4.54 10.28
N LYS B 160 -51.74 -4.84 11.49
CA LYS B 160 -51.01 -6.08 11.71
C LYS B 160 -51.86 -7.30 11.37
N ARG B 161 -53.06 -7.38 11.93
CA ARG B 161 -53.88 -8.59 11.75
C ARG B 161 -54.34 -8.74 10.31
N ASN B 162 -54.40 -7.65 9.55
CA ASN B 162 -55.00 -7.65 8.23
C ASN B 162 -53.99 -7.36 7.11
N SER B 163 -52.80 -7.95 7.18
CA SER B 163 -51.81 -7.74 6.13
C SER B 163 -50.92 -8.97 6.01
N VAL B 164 -50.30 -9.11 4.84
CA VAL B 164 -49.35 -10.18 4.57
C VAL B 164 -48.37 -9.70 3.51
N ARG B 165 -47.12 -10.14 3.63
CA ARG B 165 -46.05 -9.74 2.72
C ARG B 165 -45.39 -10.98 2.13
N LEU B 166 -44.90 -10.84 0.91
CA LEU B 166 -44.23 -11.92 0.20
C LEU B 166 -42.91 -11.41 -0.36
N VAL B 167 -41.99 -12.34 -0.58
CA VAL B 167 -40.64 -12.02 -1.04
C VAL B 167 -40.33 -12.84 -2.27
N ILE B 168 -39.48 -12.30 -3.14
CA ILE B 168 -39.02 -12.97 -4.34
C ILE B 168 -37.55 -12.63 -4.55
N ARG B 169 -36.95 -13.21 -5.59
CA ARG B 169 -35.56 -12.97 -5.92
C ARG B 169 -35.45 -12.56 -7.39
N LYS B 170 -34.60 -11.57 -7.64
CA LYS B 170 -34.29 -11.12 -9.00
C LYS B 170 -32.94 -11.72 -9.39
N VAL B 171 -32.97 -12.73 -10.25
CA VAL B 171 -31.78 -13.49 -10.63
C VAL B 171 -31.60 -13.39 -12.14
N GLN B 172 -30.55 -14.05 -12.63
CA GLN B 172 -30.22 -14.07 -14.04
C GLN B 172 -29.44 -15.36 -14.31
N TYR B 173 -29.33 -15.73 -15.58
CA TYR B 173 -28.63 -16.96 -15.95
C TYR B 173 -27.53 -16.65 -16.95
N ALA B 174 -26.51 -17.51 -16.96
CA ALA B 174 -25.33 -17.32 -17.77
C ALA B 174 -25.70 -17.26 -19.25
N PRO B 175 -25.16 -16.31 -20.02
CA PRO B 175 -25.43 -16.30 -21.45
C PRO B 175 -24.97 -17.60 -22.11
N GLU B 176 -25.76 -18.07 -23.07
CA GLU B 176 -25.45 -19.35 -23.71
C GLU B 176 -24.25 -19.24 -24.64
N ARG B 177 -24.18 -18.17 -25.44
CA ARG B 177 -23.12 -18.06 -26.42
C ARG B 177 -21.76 -17.92 -25.72
N PRO B 178 -20.71 -18.51 -26.29
CA PRO B 178 -19.37 -18.37 -25.68
C PRO B 178 -18.84 -16.96 -25.88
N GLY B 179 -17.94 -16.56 -24.97
CA GLY B 179 -17.32 -15.26 -25.03
C GLY B 179 -15.86 -15.33 -25.42
N PRO B 180 -15.21 -14.18 -25.52
CA PRO B 180 -13.78 -14.17 -25.89
C PRO B 180 -12.91 -14.72 -24.79
N GLN B 181 -11.71 -15.14 -25.18
CA GLN B 181 -10.73 -15.66 -24.23
C GLN B 181 -9.83 -14.53 -23.78
N PRO B 182 -10.03 -13.96 -22.58
CA PRO B 182 -9.23 -12.80 -22.18
C PRO B 182 -7.79 -13.20 -21.89
N THR B 183 -6.86 -12.41 -22.44
CA THR B 183 -5.44 -12.58 -22.18
C THR B 183 -4.79 -11.20 -22.22
N ALA B 184 -3.66 -11.08 -21.51
CA ALA B 184 -2.99 -9.79 -21.41
C ALA B 184 -1.50 -10.00 -21.18
N GLU B 185 -0.71 -9.04 -21.67
CA GLU B 185 0.73 -9.04 -21.48
C GLU B 185 1.16 -7.63 -21.08
N THR B 186 2.30 -7.56 -20.38
CA THR B 186 2.83 -6.28 -19.92
C THR B 186 4.33 -6.28 -20.07
N THR B 187 4.90 -5.08 -20.10
CA THR B 187 6.34 -4.89 -20.20
C THR B 187 6.81 -3.95 -19.10
N ARG B 188 8.00 -4.20 -18.58
CA ARG B 188 8.59 -3.38 -17.53
C ARG B 188 10.05 -3.12 -17.88
N GLN B 189 10.44 -1.85 -17.82
CA GLN B 189 11.81 -1.44 -18.05
C GLN B 189 12.47 -1.06 -16.74
N PHE B 190 13.80 -0.98 -16.76
CA PHE B 190 14.59 -0.57 -15.60
C PHE B 190 15.67 0.41 -16.05
N LEU B 191 16.10 1.24 -15.10
CA LEU B 191 16.81 2.47 -15.42
C LEU B 191 18.32 2.30 -15.57
N MET B 192 18.88 1.15 -15.18
CA MET B 192 20.29 0.89 -15.37
C MET B 192 20.58 -0.16 -16.43
N SER B 193 19.54 -0.81 -16.97
CA SER B 193 19.70 -1.78 -18.06
C SER B 193 18.44 -1.68 -18.92
N ASP B 194 18.64 -1.53 -20.23
CA ASP B 194 17.54 -1.27 -21.13
C ASP B 194 16.97 -2.56 -21.73
N LYS B 195 17.07 -3.65 -20.98
CA LYS B 195 16.45 -4.91 -21.38
C LYS B 195 15.18 -5.10 -20.56
N PRO B 196 14.02 -4.63 -21.05
CA PRO B 196 12.83 -4.59 -20.21
C PRO B 196 12.24 -5.97 -19.96
N LEU B 197 11.62 -6.10 -18.80
CA LEU B 197 10.87 -7.32 -18.46
C LEU B 197 9.57 -7.37 -19.26
N HIS B 198 9.13 -8.59 -19.57
CA HIS B 198 7.86 -8.81 -20.23
C HIS B 198 7.13 -9.94 -19.53
N LEU B 199 5.80 -9.91 -19.63
CA LEU B 199 4.96 -10.86 -18.91
C LEU B 199 3.69 -11.08 -19.70
N GLU B 200 3.05 -12.24 -19.47
CA GLU B 200 1.81 -12.58 -20.14
C GLU B 200 1.09 -13.65 -19.33
N ALA B 201 -0.23 -13.57 -19.31
CA ALA B 201 -1.07 -14.56 -18.65
C ALA B 201 -2.30 -14.81 -19.50
N SER B 202 -2.81 -16.04 -19.44
CA SER B 202 -3.96 -16.43 -20.25
C SER B 202 -4.82 -17.40 -19.46
N LEU B 203 -6.11 -17.43 -19.79
CA LEU B 203 -7.08 -18.27 -19.12
C LEU B 203 -7.73 -19.22 -20.12
N ASP B 204 -8.55 -20.13 -19.60
CA ASP B 204 -9.23 -21.09 -20.46
C ASP B 204 -10.45 -20.48 -21.12
N LYS B 205 -11.41 -20.03 -20.32
CA LYS B 205 -12.61 -19.39 -20.84
C LYS B 205 -12.99 -18.23 -19.92
N GLU B 206 -14.02 -17.49 -20.33
CA GLU B 206 -14.44 -16.29 -19.62
C GLU B 206 -15.64 -16.49 -18.72
N ILE B 207 -16.35 -17.62 -18.83
CA ILE B 207 -17.46 -17.95 -17.96
C ILE B 207 -17.12 -19.24 -17.22
N TYR B 208 -17.68 -19.41 -16.03
CA TYR B 208 -17.41 -20.59 -15.22
C TYR B 208 -18.60 -20.86 -14.30
N TYR B 209 -18.63 -22.07 -13.76
CA TYR B 209 -19.66 -22.49 -12.82
C TYR B 209 -19.07 -22.60 -11.42
N HIS B 210 -19.91 -22.37 -10.43
CA HIS B 210 -19.47 -22.45 -9.04
C HIS B 210 -18.93 -23.83 -8.73
N GLY B 211 -17.77 -23.87 -8.06
CA GLY B 211 -17.09 -25.10 -7.74
C GLY B 211 -16.19 -25.63 -8.85
N GLU B 212 -16.25 -25.04 -10.04
CA GLU B 212 -15.43 -25.52 -11.14
C GLU B 212 -14.05 -24.85 -11.09
N PRO B 213 -12.96 -25.60 -11.06
CA PRO B 213 -11.63 -24.98 -11.01
C PRO B 213 -11.34 -24.14 -12.24
N ILE B 214 -10.54 -23.10 -12.05
CA ILE B 214 -10.09 -22.23 -13.12
C ILE B 214 -8.57 -22.30 -13.19
N SER B 215 -8.05 -22.38 -14.40
CA SER B 215 -6.62 -22.53 -14.63
C SER B 215 -6.09 -21.37 -15.45
N VAL B 216 -4.84 -21.00 -15.17
CA VAL B 216 -4.18 -19.88 -15.83
C VAL B 216 -2.84 -20.36 -16.37
N ASN B 217 -2.41 -19.77 -17.48
CA ASN B 217 -1.11 -20.05 -18.08
C ASN B 217 -0.32 -18.74 -18.13
N VAL B 218 0.90 -18.77 -17.60
CA VAL B 218 1.73 -17.59 -17.45
C VAL B 218 3.07 -17.84 -18.11
N HIS B 219 3.55 -16.86 -18.88
CA HIS B 219 4.86 -16.89 -19.49
C HIS B 219 5.73 -15.82 -18.88
N VAL B 220 7.03 -16.10 -18.76
CA VAL B 220 7.97 -15.22 -18.07
C VAL B 220 9.09 -14.87 -19.04
N THR B 221 9.47 -13.59 -19.05
CA THR B 221 10.52 -13.08 -19.94
C THR B 221 11.49 -12.23 -19.10
N ASN B 222 12.53 -12.87 -18.58
CA ASN B 222 13.53 -12.18 -17.76
C ASN B 222 14.71 -11.85 -18.66
N ASN B 223 14.95 -10.55 -18.85
CA ASN B 223 16.00 -10.10 -19.77
C ASN B 223 17.15 -9.39 -19.07
N THR B 224 17.05 -9.13 -17.77
CA THR B 224 18.01 -8.29 -17.06
C THR B 224 18.78 -9.12 -16.04
N ASN B 225 19.67 -8.44 -15.30
CA ASN B 225 20.54 -9.12 -14.36
C ASN B 225 19.76 -9.65 -13.15
N LYS B 226 18.78 -8.90 -12.67
CA LYS B 226 18.04 -9.29 -11.49
C LYS B 226 17.27 -10.59 -11.76
N THR B 227 16.67 -11.14 -10.70
CA THR B 227 15.99 -12.43 -10.78
C THR B 227 14.66 -12.35 -10.04
N VAL B 228 13.68 -13.07 -10.58
CA VAL B 228 12.37 -13.16 -9.94
C VAL B 228 12.47 -14.07 -8.73
N LYS B 229 11.80 -13.68 -7.65
CA LYS B 229 11.83 -14.43 -6.40
C LYS B 229 10.50 -15.07 -6.04
N LYS B 230 9.38 -14.44 -6.36
CA LYS B 230 8.07 -14.98 -6.03
C LYS B 230 7.05 -14.52 -7.06
N ILE B 231 5.94 -15.22 -7.12
CA ILE B 231 4.82 -14.89 -8.00
C ILE B 231 3.54 -15.04 -7.21
N LYS B 232 2.81 -13.95 -7.02
CA LYS B 232 1.58 -13.97 -6.24
C LYS B 232 0.38 -14.24 -7.16
N ILE B 233 -0.51 -15.10 -6.71
CA ILE B 233 -1.74 -15.42 -7.43
C ILE B 233 -2.90 -14.84 -6.65
N SER B 234 -3.75 -14.07 -7.33
CA SER B 234 -4.83 -13.36 -6.67
C SER B 234 -6.13 -13.52 -7.45
N VAL B 235 -7.21 -13.71 -6.71
CA VAL B 235 -8.58 -13.70 -7.24
C VAL B 235 -9.40 -12.84 -6.29
N ARG B 236 -9.73 -11.63 -6.72
CA ARG B 236 -10.33 -10.62 -5.85
C ARG B 236 -11.73 -10.27 -6.33
N GLN B 237 -12.67 -10.27 -5.40
CA GLN B 237 -14.02 -9.79 -5.69
C GLN B 237 -14.07 -8.27 -5.61
N TYR B 238 -14.79 -7.67 -6.54
CA TYR B 238 -15.00 -6.22 -6.58
C TYR B 238 -16.45 -5.91 -6.22
N ALA B 239 -16.64 -5.03 -5.25
CA ALA B 239 -17.96 -4.68 -4.74
C ALA B 239 -18.27 -3.23 -5.10
N ASP B 240 -19.41 -3.01 -5.72
CA ASP B 240 -19.88 -1.67 -6.08
C ASP B 240 -20.98 -1.27 -5.11
N ILE B 241 -20.83 -0.11 -4.49
CA ILE B 241 -21.72 0.35 -3.43
C ILE B 241 -22.32 1.67 -3.85
N CYS B 242 -23.63 1.81 -3.72
CA CYS B 242 -24.31 3.06 -4.04
C CYS B 242 -25.57 3.21 -3.19
N LEU B 243 -25.45 3.96 -2.09
CA LEU B 243 -26.60 4.32 -1.28
C LEU B 243 -26.80 5.84 -1.30
N PHE B 244 -25.79 6.57 -0.87
CA PHE B 244 -25.83 8.03 -0.96
C PHE B 244 -24.94 8.53 -2.09
N ASN B 245 -23.78 7.89 -2.27
CA ASN B 245 -22.87 8.20 -3.36
C ASN B 245 -22.24 6.91 -3.85
N THR B 246 -21.18 7.00 -4.64
CA THR B 246 -20.52 5.81 -5.18
C THR B 246 -19.28 5.51 -4.36
N ALA B 247 -19.00 4.22 -4.18
CA ALA B 247 -17.84 3.77 -3.43
C ALA B 247 -17.37 2.44 -4.01
N GLN B 248 -16.10 2.13 -3.79
CA GLN B 248 -15.49 0.93 -4.35
C GLN B 248 -14.48 0.34 -3.39
N TYR B 249 -14.53 -0.97 -3.23
CA TYR B 249 -13.53 -1.70 -2.47
C TYR B 249 -13.70 -3.19 -2.76
N LYS B 250 -12.61 -3.93 -2.57
CA LYS B 250 -12.57 -5.34 -2.98
C LYS B 250 -12.01 -6.18 -1.85
N CYS B 251 -12.35 -7.47 -1.88
CA CYS B 251 -11.88 -8.44 -0.90
C CYS B 251 -11.39 -9.69 -1.62
N PRO B 252 -10.25 -10.24 -1.22
CA PRO B 252 -9.76 -11.46 -1.88
C PRO B 252 -10.46 -12.71 -1.35
N VAL B 253 -10.84 -13.59 -2.26
CA VAL B 253 -11.45 -14.86 -1.86
C VAL B 253 -10.37 -15.93 -1.70
N ALA B 254 -9.36 -15.94 -2.56
CA ALA B 254 -8.28 -16.92 -2.47
C ALA B 254 -7.03 -16.31 -3.09
N MET B 255 -5.89 -16.93 -2.79
CA MET B 255 -4.62 -16.46 -3.32
C MET B 255 -3.56 -17.54 -3.09
N GLU B 256 -2.48 -17.44 -3.88
CA GLU B 256 -1.35 -18.35 -3.75
C GLU B 256 -0.09 -17.60 -4.16
N GLU B 257 1.04 -18.02 -3.58
CA GLU B 257 2.34 -17.40 -3.85
C GLU B 257 3.28 -18.50 -4.34
N ALA B 258 3.51 -18.54 -5.65
CA ALA B 258 4.39 -19.55 -6.22
C ALA B 258 5.84 -19.30 -5.80
N ASP B 259 6.58 -20.37 -5.60
CA ASP B 259 7.97 -20.30 -5.16
C ASP B 259 8.97 -20.31 -6.32
N ASP B 260 8.50 -20.29 -7.56
CA ASP B 260 9.40 -20.38 -8.69
C ASP B 260 10.29 -19.14 -8.76
N THR B 261 11.49 -19.32 -9.30
CA THR B 261 12.45 -18.24 -9.51
C THR B 261 13.03 -18.38 -10.91
N VAL B 262 13.47 -17.25 -11.46
CA VAL B 262 13.97 -17.19 -12.84
C VAL B 262 15.38 -16.62 -12.82
N ALA B 263 16.28 -17.27 -13.56
CA ALA B 263 17.66 -16.83 -13.62
C ALA B 263 17.78 -15.57 -14.48
N PRO B 264 18.89 -14.84 -14.34
CA PRO B 264 19.06 -13.61 -15.13
C PRO B 264 19.02 -13.91 -16.63
N SER B 265 18.39 -13.00 -17.37
CA SER B 265 18.32 -13.08 -18.82
C SER B 265 17.83 -14.45 -19.28
N SER B 266 16.59 -14.77 -18.90
CA SER B 266 16.00 -16.06 -19.25
C SER B 266 14.48 -15.91 -19.33
N THR B 267 13.82 -17.01 -19.67
CA THR B 267 12.37 -17.03 -19.84
C THR B 267 11.83 -18.32 -19.25
N PHE B 268 10.55 -18.30 -18.88
CA PHE B 268 9.91 -19.46 -18.28
C PHE B 268 8.40 -19.33 -18.45
N CYS B 269 7.73 -20.49 -18.36
CA CYS B 269 6.28 -20.54 -18.47
C CYS B 269 5.76 -21.63 -17.53
N LYS B 270 4.49 -21.50 -17.12
CA LYS B 270 3.89 -22.48 -16.23
C LYS B 270 2.38 -22.27 -16.20
N VAL B 271 1.71 -23.13 -15.44
CA VAL B 271 0.26 -23.11 -15.31
C VAL B 271 -0.10 -23.27 -13.83
N TYR B 272 -1.18 -22.61 -13.42
CA TYR B 272 -1.64 -22.64 -12.04
C TYR B 272 -3.17 -22.75 -12.03
N THR B 273 -3.69 -23.27 -10.91
CA THR B 273 -5.12 -23.52 -10.77
C THR B 273 -5.58 -23.13 -9.37
N LEU B 274 -6.76 -22.49 -9.30
CA LEU B 274 -7.35 -22.09 -8.03
C LEU B 274 -8.84 -22.42 -8.05
N THR B 275 -9.42 -22.50 -6.86
CA THR B 275 -10.84 -22.82 -6.70
C THR B 275 -11.43 -21.97 -5.58
N PRO B 276 -12.40 -21.10 -5.88
CA PRO B 276 -13.10 -20.39 -4.80
C PRO B 276 -14.12 -21.28 -4.11
N PHE B 277 -14.29 -21.06 -2.81
CA PHE B 277 -15.28 -21.79 -2.03
C PHE B 277 -15.53 -21.05 -0.73
N LEU B 278 -16.70 -21.30 -0.15
CA LEU B 278 -17.16 -20.56 1.03
C LEU B 278 -16.37 -20.95 2.27
N ALA B 279 -16.09 -22.24 2.44
CA ALA B 279 -15.63 -22.75 3.73
C ALA B 279 -14.46 -21.93 4.29
N ASN B 280 -13.49 -21.60 3.45
CA ASN B 280 -12.32 -20.86 3.90
C ASN B 280 -12.59 -19.36 4.05
N ASN B 281 -13.84 -18.88 3.99
CA ASN B 281 -14.10 -17.45 4.03
C ASN B 281 -15.30 -17.06 4.90
N ARG B 282 -15.75 -17.93 5.79
CA ARG B 282 -16.91 -17.63 6.63
C ARG B 282 -16.66 -16.38 7.49
N GLU B 283 -15.47 -16.30 8.08
CA GLU B 283 -15.18 -15.23 9.04
C GLU B 283 -15.33 -13.84 8.46
N LYS B 284 -15.10 -13.67 7.16
CA LYS B 284 -15.02 -12.34 6.57
C LYS B 284 -16.42 -11.74 6.43
N ARG B 285 -16.59 -10.50 6.91
CA ARG B 285 -17.84 -9.77 6.78
C ARG B 285 -18.04 -9.27 5.36
N GLY B 286 -19.28 -9.03 4.98
CA GLY B 286 -19.57 -8.29 3.77
C GLY B 286 -19.25 -9.01 2.47
N LEU B 287 -18.91 -10.29 2.51
CA LEU B 287 -18.66 -11.02 1.28
C LEU B 287 -19.92 -11.02 0.42
N ALA B 288 -19.74 -11.07 -0.88
CA ALA B 288 -20.85 -11.03 -1.83
C ALA B 288 -21.56 -12.37 -1.84
N LEU B 289 -22.82 -12.36 -1.42
CA LEU B 289 -23.63 -13.57 -1.32
C LEU B 289 -24.94 -13.36 -2.05
N ASP B 290 -25.35 -14.37 -2.82
CA ASP B 290 -26.62 -14.29 -3.54
C ASP B 290 -27.76 -14.11 -2.55
N GLY B 291 -28.87 -13.53 -3.04
CA GLY B 291 -30.01 -13.24 -2.20
C GLY B 291 -30.55 -14.45 -1.46
N LYS B 292 -30.50 -14.38 -0.13
CA LYS B 292 -31.12 -15.42 0.69
C LYS B 292 -32.64 -15.26 0.68
N LEU B 293 -33.33 -16.31 1.10
CA LEU B 293 -34.79 -16.24 1.24
C LEU B 293 -35.19 -15.85 2.66
N LYS B 294 -34.91 -16.71 3.65
CA LYS B 294 -34.97 -16.28 5.04
C LYS B 294 -33.66 -16.56 5.76
N HIS B 295 -33.18 -17.80 5.69
CA HIS B 295 -31.96 -18.17 6.41
C HIS B 295 -31.09 -19.17 5.66
N GLU B 296 -31.29 -19.38 4.36
CA GLU B 296 -30.58 -20.43 3.65
C GLU B 296 -29.13 -20.04 3.41
N ASP B 297 -28.25 -21.04 3.48
CA ASP B 297 -26.82 -20.84 3.29
C ASP B 297 -26.49 -20.78 1.79
N THR B 298 -26.93 -19.69 1.17
CA THR B 298 -26.69 -19.50 -0.25
C THR B 298 -25.18 -19.39 -0.53
N ASN B 299 -24.78 -19.82 -1.72
CA ASN B 299 -23.38 -19.81 -2.10
C ASN B 299 -22.93 -18.38 -2.37
N LEU B 300 -21.69 -18.24 -2.84
CA LEU B 300 -21.14 -16.93 -3.14
C LEU B 300 -21.97 -16.24 -4.22
N ALA B 301 -21.98 -14.91 -4.17
CA ALA B 301 -22.77 -14.15 -5.13
C ALA B 301 -22.22 -14.33 -6.54
N SER B 302 -23.12 -14.50 -7.49
CA SER B 302 -22.72 -14.59 -8.89
C SER B 302 -22.45 -13.20 -9.44
N SER B 303 -21.59 -13.13 -10.45
CA SER B 303 -21.24 -11.86 -11.07
C SER B 303 -22.47 -11.26 -11.72
N THR B 304 -22.68 -9.96 -11.50
CA THR B 304 -23.87 -9.29 -12.03
C THR B 304 -23.57 -8.68 -13.39
N LEU B 305 -24.11 -9.28 -14.44
CA LEU B 305 -23.94 -8.74 -15.78
C LEU B 305 -24.62 -7.40 -15.91
N LEU B 306 -23.96 -6.45 -16.56
CA LEU B 306 -24.51 -5.12 -16.72
C LEU B 306 -25.69 -5.15 -17.69
N ARG B 307 -26.32 -4.00 -17.87
CA ARG B 307 -27.46 -3.87 -18.76
C ARG B 307 -27.00 -3.74 -20.20
N GLU B 308 -26.33 -4.76 -20.73
CA GLU B 308 -25.82 -4.74 -22.09
C GLU B 308 -24.94 -3.50 -22.31
N GLY B 309 -24.94 -2.98 -23.53
CA GLY B 309 -24.12 -1.81 -23.83
C GLY B 309 -24.65 -0.51 -23.29
N ALA B 310 -25.80 -0.53 -22.61
CA ALA B 310 -26.38 0.71 -22.08
C ALA B 310 -25.42 1.41 -21.13
N ASN B 311 -24.79 0.68 -20.22
CA ASN B 311 -23.82 1.25 -19.28
C ASN B 311 -24.42 2.44 -18.53
N ARG B 312 -25.66 2.30 -18.09
CA ARG B 312 -26.31 3.38 -17.35
C ARG B 312 -25.77 3.45 -15.93
N GLU B 313 -26.07 4.57 -15.26
CA GLU B 313 -25.64 4.78 -13.87
C GLU B 313 -26.64 4.17 -12.91
N ILE B 314 -26.72 2.84 -12.95
CA ILE B 314 -27.66 2.12 -12.11
C ILE B 314 -27.35 2.38 -10.63
N LEU B 315 -28.35 2.22 -9.79
CA LEU B 315 -28.20 2.36 -8.35
C LEU B 315 -27.86 1.00 -7.74
N GLY B 316 -27.86 0.92 -6.42
CA GLY B 316 -27.73 -0.37 -5.76
C GLY B 316 -26.32 -0.94 -5.85
N ILE B 317 -26.25 -2.26 -5.81
CA ILE B 317 -25.00 -3.00 -5.71
C ILE B 317 -24.71 -3.69 -7.04
N ILE B 318 -23.44 -3.74 -7.42
CA ILE B 318 -22.99 -4.45 -8.60
C ILE B 318 -21.69 -5.15 -8.26
N VAL B 319 -21.48 -6.32 -8.87
CA VAL B 319 -20.35 -7.18 -8.51
C VAL B 319 -19.69 -7.71 -9.77
N SER B 320 -18.40 -7.98 -9.68
CA SER B 320 -17.63 -8.62 -10.73
C SER B 320 -16.37 -9.18 -10.10
N TYR B 321 -15.56 -9.87 -10.92
CA TYR B 321 -14.35 -10.51 -10.43
C TYR B 321 -13.22 -10.33 -11.43
N LYS B 322 -11.99 -10.32 -10.91
CA LYS B 322 -10.80 -10.21 -11.73
C LYS B 322 -9.66 -10.99 -11.06
N VAL B 323 -8.85 -11.63 -11.89
CA VAL B 323 -7.67 -12.35 -11.40
C VAL B 323 -6.43 -11.49 -11.64
N LYS B 324 -5.56 -11.44 -10.64
CA LYS B 324 -4.36 -10.61 -10.71
C LYS B 324 -3.15 -11.41 -10.25
N VAL B 325 -1.99 -11.04 -10.78
CA VAL B 325 -0.73 -11.71 -10.45
C VAL B 325 0.36 -10.65 -10.35
N LYS B 326 1.25 -10.82 -9.37
CA LYS B 326 2.35 -9.90 -9.14
C LYS B 326 3.65 -10.69 -9.04
N LEU B 327 4.76 -10.02 -9.33
CA LEU B 327 6.08 -10.64 -9.34
C LEU B 327 6.97 -9.94 -8.33
N VAL B 328 7.71 -10.72 -7.55
CA VAL B 328 8.69 -10.18 -6.61
C VAL B 328 10.07 -10.29 -7.23
N VAL B 329 10.76 -9.15 -7.35
CA VAL B 329 12.07 -9.07 -7.98
C VAL B 329 13.10 -8.73 -6.91
N SER B 330 14.21 -9.47 -6.92
CA SER B 330 15.25 -9.27 -5.92
C SER B 330 15.79 -7.84 -5.98
N ARG B 331 15.91 -7.23 -4.81
CA ARG B 331 16.50 -5.89 -4.73
C ARG B 331 18.02 -5.98 -4.86
N GLY B 332 18.62 -4.86 -5.26
CA GLY B 332 20.08 -4.82 -5.39
C GLY B 332 20.53 -3.61 -6.17
N GLY B 333 21.77 -3.67 -6.65
CA GLY B 333 22.33 -2.57 -7.39
C GLY B 333 22.55 -1.37 -6.48
N LEU B 334 22.59 -0.19 -7.12
CA LEU B 334 22.75 1.05 -6.38
C LEU B 334 21.45 1.55 -5.76
N LEU B 335 20.36 0.80 -5.90
CA LEU B 335 19.05 1.24 -5.42
C LEU B 335 18.79 0.78 -3.99
N GLY B 336 18.90 -0.51 -3.73
CA GLY B 336 18.60 -1.01 -2.40
C GLY B 336 17.12 -0.95 -2.11
N ASP B 337 16.78 -0.76 -0.83
CA ASP B 337 15.39 -0.71 -0.40
C ASP B 337 14.67 0.56 -0.83
N LEU B 338 15.41 1.54 -1.37
CA LEU B 338 14.83 2.86 -1.62
C LEU B 338 13.80 2.83 -2.74
N ALA B 339 14.04 2.07 -3.80
CA ALA B 339 13.17 2.09 -4.97
C ALA B 339 12.10 1.00 -4.87
N SER B 340 11.38 0.77 -5.96
CA SER B 340 10.36 -0.26 -6.05
C SER B 340 10.71 -1.21 -7.18
N SER B 341 10.25 -2.45 -7.07
CA SER B 341 10.69 -3.52 -7.95
C SER B 341 9.57 -4.32 -8.61
N ASP B 342 8.45 -4.52 -7.94
CA ASP B 342 7.45 -5.50 -8.37
C ASP B 342 6.74 -5.07 -9.65
N VAL B 343 6.19 -6.06 -10.34
CA VAL B 343 5.35 -5.86 -11.52
C VAL B 343 4.15 -6.77 -11.38
N ALA B 344 3.06 -6.43 -12.07
CA ALA B 344 1.83 -7.20 -11.94
C ALA B 344 0.94 -6.99 -13.16
N VAL B 345 -0.04 -7.88 -13.29
CA VAL B 345 -1.05 -7.79 -14.34
C VAL B 345 -2.27 -8.56 -13.86
N GLU B 346 -3.43 -8.26 -14.45
CA GLU B 346 -4.67 -8.90 -14.03
C GLU B 346 -5.63 -9.00 -15.21
N LEU B 347 -6.55 -9.95 -15.12
CA LEU B 347 -7.56 -10.18 -16.15
C LEU B 347 -8.93 -10.30 -15.50
N PRO B 348 -10.00 -9.95 -16.22
CA PRO B 348 -11.35 -10.19 -15.70
C PRO B 348 -11.88 -11.54 -16.15
N PHE B 349 -13.03 -11.91 -15.56
CA PHE B 349 -13.68 -13.16 -15.91
C PHE B 349 -15.09 -13.14 -15.33
N THR B 350 -15.77 -14.27 -15.43
CA THR B 350 -17.14 -14.41 -14.95
C THR B 350 -17.29 -15.73 -14.20
N LEU B 351 -18.12 -15.72 -13.16
CA LEU B 351 -18.43 -16.92 -12.39
C LEU B 351 -19.92 -16.88 -12.08
N MET B 352 -20.64 -17.94 -12.43
CA MET B 352 -22.10 -17.89 -12.34
C MET B 352 -22.66 -19.27 -12.70
N HIS B 353 -23.95 -19.51 -12.27
CA HIS B 353 -24.68 -20.73 -12.55
C HIS B 353 -25.27 -20.71 -13.95
N PRO B 354 -25.50 -21.87 -14.56
CA PRO B 354 -26.26 -21.91 -15.82
C PRO B 354 -27.74 -21.71 -15.57
N LYS B 355 -28.49 -21.61 -16.66
CA LYS B 355 -29.94 -21.54 -16.56
C LYS B 355 -30.50 -22.90 -16.16
N PRO B 356 -31.39 -22.98 -15.17
CA PRO B 356 -31.98 -24.27 -14.82
C PRO B 356 -32.70 -24.89 -16.01
N LYS B 357 -32.59 -26.21 -16.14
CA LYS B 357 -33.19 -26.89 -17.28
C LYS B 357 -34.72 -26.90 -17.17
N GLU B 358 -35.24 -27.53 -16.13
CA GLU B 358 -36.69 -27.62 -15.94
C GLU B 358 -37.07 -27.55 -14.47
N GLU B 359 -36.12 -27.19 -13.61
CA GLU B 359 -36.38 -27.16 -12.18
C GLU B 359 -35.46 -26.15 -11.48
N PRO B 360 -35.98 -25.01 -11.04
CA PRO B 360 -35.13 -24.06 -10.30
C PRO B 360 -34.74 -24.63 -8.95
N PRO B 361 -33.62 -24.17 -8.37
CA PRO B 361 -33.15 -24.76 -7.10
C PRO B 361 -34.21 -24.77 -6.01
N HIS B 362 -34.28 -25.88 -5.27
CA HIS B 362 -35.22 -26.01 -4.17
C HIS B 362 -34.71 -25.24 -2.96
N ARG B 363 -35.42 -25.41 -1.84
CA ARG B 363 -35.10 -24.70 -0.59
C ARG B 363 -34.42 -25.67 0.37
N GLU B 364 -33.09 -25.75 0.29
CA GLU B 364 -32.29 -26.49 1.26
C GLU B 364 -32.75 -27.94 1.38
N VAL B 365 -32.58 -28.66 0.27
CA VAL B 365 -33.00 -30.05 0.15
C VAL B 365 -32.64 -30.82 1.41
N PRO B 366 -31.37 -30.83 1.84
CA PRO B 366 -31.03 -31.59 3.06
C PRO B 366 -31.55 -30.93 4.32
N GLU B 367 -32.86 -31.00 4.52
CA GLU B 367 -33.47 -30.43 5.72
C GLU B 367 -32.96 -31.15 6.96
N SER B 368 -32.54 -30.39 7.96
CA SER B 368 -32.03 -30.95 9.20
C SER B 368 -32.58 -30.19 10.41
N VAL C 5 17.05 38.08 21.70
CA VAL C 5 17.45 36.67 21.93
C VAL C 5 18.67 36.63 22.83
N GLN C 6 18.60 35.82 23.89
CA GLN C 6 19.70 35.71 24.83
C GLN C 6 19.76 34.29 25.36
N LEU C 7 20.92 33.94 25.92
CA LEU C 7 21.17 32.62 26.47
C LEU C 7 21.48 32.74 27.96
N VAL C 8 20.90 31.84 28.76
CA VAL C 8 21.06 31.83 30.21
C VAL C 8 21.68 30.52 30.62
N GLU C 9 22.59 30.57 31.58
CA GLU C 9 23.29 29.39 32.08
C GLU C 9 23.24 29.35 33.60
N SER C 10 23.28 28.14 34.14
CA SER C 10 23.28 27.93 35.58
C SER C 10 23.57 26.46 35.84
N GLY C 11 23.87 26.14 37.10
CA GLY C 11 24.14 24.79 37.52
C GLY C 11 25.48 24.56 38.21
N GLY C 12 26.13 25.62 38.70
CA GLY C 12 27.39 25.50 39.40
C GLY C 12 27.30 26.04 40.82
N GLY C 13 28.47 26.07 41.47
CA GLY C 13 28.54 26.62 42.81
C GLY C 13 29.74 26.05 43.55
N LEU C 14 29.71 26.22 44.87
CA LEU C 14 30.80 25.80 45.74
C LEU C 14 30.65 24.33 46.09
N VAL C 15 31.71 23.55 45.86
CA VAL C 15 31.70 22.13 46.18
C VAL C 15 33.04 21.76 46.81
N GLN C 16 33.18 20.48 47.17
CA GLN C 16 34.43 19.89 47.60
C GLN C 16 34.89 18.91 46.53
N PRO C 17 36.19 18.64 46.43
CA PRO C 17 36.71 17.95 45.24
C PRO C 17 36.13 16.57 45.09
N GLY C 18 36.27 16.03 43.89
CA GLY C 18 35.74 14.71 43.55
C GLY C 18 34.37 14.71 42.93
N GLY C 19 33.38 15.29 43.61
CA GLY C 19 32.03 15.32 43.08
C GLY C 19 31.94 16.15 41.81
N SER C 20 30.71 16.34 41.36
CA SER C 20 30.45 17.11 40.15
C SER C 20 29.01 17.58 40.16
N LEU C 21 28.73 18.56 39.31
CA LEU C 21 27.40 19.14 39.18
C LEU C 21 26.98 19.07 37.71
N ARG C 22 25.88 19.76 37.39
CA ARG C 22 25.37 19.81 36.02
C ARG C 22 25.18 21.28 35.63
N LEU C 23 26.23 21.89 35.12
CA LEU C 23 26.10 23.21 34.52
C LEU C 23 25.24 23.11 33.25
N SER C 24 24.45 24.15 33.00
CA SER C 24 23.52 24.13 31.89
C SER C 24 23.58 25.47 31.16
N CYS C 25 23.15 25.44 29.90
CA CYS C 25 23.07 26.63 29.07
C CYS C 25 21.80 26.57 28.23
N ALA C 26 20.93 27.56 28.41
CA ALA C 26 19.61 27.57 27.78
C ALA C 26 19.63 28.51 26.59
N ALA C 27 19.13 28.01 25.46
CA ALA C 27 19.08 28.78 24.23
C ALA C 27 17.78 29.57 24.15
N SER C 28 17.58 30.25 23.03
CA SER C 28 16.37 31.03 22.80
C SER C 28 16.28 31.39 21.33
N GLY C 29 15.06 31.46 20.83
CA GLY C 29 14.81 31.89 19.45
C GLY C 29 15.12 30.88 18.36
N PHE C 30 16.27 30.24 18.43
CA PHE C 30 16.74 29.34 17.38
C PHE C 30 16.99 27.96 17.94
N ASN C 31 16.61 26.94 17.17
CA ASN C 31 16.81 25.57 17.60
C ASN C 31 18.30 25.21 17.58
N VAL C 32 18.61 24.07 18.21
CA VAL C 32 20.00 23.62 18.26
C VAL C 32 20.51 23.30 16.86
N TYR C 33 19.68 22.62 16.06
CA TYR C 33 20.11 22.23 14.72
C TYR C 33 20.55 23.41 13.87
N SER C 34 19.99 24.59 14.11
CA SER C 34 20.39 25.77 13.34
C SER C 34 21.83 26.17 13.60
N SER C 35 22.46 25.65 14.65
CA SER C 35 23.77 26.13 15.06
C SER C 35 24.52 25.02 15.78
N SER C 36 25.73 25.35 16.23
CA SER C 36 26.53 24.49 17.07
C SER C 36 27.01 25.27 18.28
N ILE C 37 27.27 24.57 19.38
CA ILE C 37 27.60 25.19 20.65
C ILE C 37 29.00 24.73 21.08
N HIS C 38 29.69 25.60 21.81
CA HIS C 38 31.02 25.29 22.33
C HIS C 38 31.08 25.76 23.78
N TRP C 39 32.19 25.44 24.44
CA TRP C 39 32.42 25.81 25.81
C TRP C 39 33.88 26.19 26.01
N VAL C 40 34.12 27.21 26.84
CA VAL C 40 35.44 27.73 27.08
C VAL C 40 35.56 28.13 28.55
N ARG C 41 36.73 27.88 29.12
CA ARG C 41 37.01 28.24 30.50
C ARG C 41 38.15 29.26 30.54
N GLN C 42 38.18 30.04 31.61
CA GLN C 42 39.19 31.08 31.80
C GLN C 42 39.77 30.93 33.20
N ALA C 43 41.00 30.44 33.29
CA ALA C 43 41.68 30.40 34.57
C ALA C 43 41.98 31.83 35.02
N PRO C 44 41.95 32.11 36.32
CA PRO C 44 42.15 33.49 36.77
C PRO C 44 43.44 34.08 36.22
N GLY C 45 43.31 35.26 35.60
CA GLY C 45 44.47 35.95 35.06
C GLY C 45 44.96 35.40 33.74
N LYS C 46 44.46 34.22 33.36
CA LYS C 46 44.92 33.56 32.15
C LYS C 46 43.99 33.87 30.98
N GLY C 47 44.29 33.29 29.82
CA GLY C 47 43.50 33.49 28.63
C GLY C 47 42.28 32.59 28.56
N LEU C 48 42.01 32.05 27.37
CA LEU C 48 40.84 31.22 27.13
C LEU C 48 41.30 29.89 26.55
N GLU C 49 40.55 28.83 26.87
CA GLU C 49 40.88 27.47 26.43
C GLU C 49 39.59 26.73 26.13
N TRP C 50 39.39 26.36 24.86
CA TRP C 50 38.24 25.55 24.48
C TRP C 50 38.24 24.23 25.25
N VAL C 51 37.05 23.81 25.69
CA VAL C 51 36.92 22.59 26.47
C VAL C 51 36.02 21.58 25.77
N ALA C 52 34.88 22.04 25.24
CA ALA C 52 33.90 21.11 24.71
C ALA C 52 33.04 21.81 23.66
N SER C 53 32.30 20.99 22.92
CA SER C 53 31.41 21.49 21.87
C SER C 53 30.50 20.35 21.43
N ILE C 54 29.44 20.72 20.72
CA ILE C 54 28.42 19.77 20.26
C ILE C 54 28.07 20.08 18.82
N SER C 55 27.80 19.03 18.05
CA SER C 55 27.42 19.13 16.63
C SER C 55 26.11 18.39 16.40
N SER C 56 25.11 18.71 17.23
CA SER C 56 23.85 17.96 17.25
C SER C 56 23.39 17.56 15.85
N TYR C 57 23.47 18.48 14.88
CA TYR C 57 23.05 18.15 13.53
C TYR C 57 23.83 16.96 12.99
N TYR C 58 25.15 16.97 13.18
CA TYR C 58 26.00 15.85 12.79
C TYR C 58 26.06 14.77 13.87
N GLY C 59 25.84 15.14 15.13
CA GLY C 59 25.86 14.19 16.23
C GLY C 59 27.21 13.96 16.87
N TYR C 60 28.28 14.58 16.34
CA TYR C 60 29.59 14.39 16.92
C TYR C 60 29.75 15.25 18.18
N THR C 61 30.72 14.87 19.01
CA THR C 61 31.14 15.66 20.15
C THR C 61 32.66 15.68 20.19
N TYR C 62 33.20 16.76 20.73
CA TYR C 62 34.64 16.94 20.81
C TYR C 62 34.99 17.59 22.13
N TYR C 63 36.03 17.06 22.77
CA TYR C 63 36.45 17.54 24.09
C TYR C 63 37.96 17.65 24.11
N ALA C 64 38.46 18.54 24.95
CA ALA C 64 39.91 18.68 25.12
C ALA C 64 40.46 17.45 25.84
N ASP C 65 41.67 17.03 25.43
CA ASP C 65 42.30 15.89 26.06
C ASP C 65 42.45 16.09 27.55
N SER C 66 42.65 17.33 27.99
CA SER C 66 42.79 17.62 29.41
C SER C 66 41.58 17.16 30.21
N VAL C 67 40.41 17.08 29.58
CA VAL C 67 39.19 16.67 30.26
C VAL C 67 38.49 15.58 29.46
N LYS C 68 39.22 14.94 28.54
CA LYS C 68 38.65 13.88 27.73
C LYS C 68 38.09 12.78 28.61
N GLY C 69 36.87 12.35 28.32
CA GLY C 69 36.21 11.31 29.10
C GLY C 69 35.62 11.79 30.40
N ARG C 70 36.42 12.46 31.23
CA ARG C 70 35.94 12.97 32.50
C ARG C 70 34.93 14.09 32.34
N PHE C 71 34.75 14.63 31.13
CA PHE C 71 33.75 15.65 30.86
C PHE C 71 32.95 15.24 29.62
N THR C 72 31.68 15.64 29.61
CA THR C 72 30.78 15.33 28.50
C THR C 72 29.63 16.32 28.52
N ILE C 73 28.98 16.48 27.37
CA ILE C 73 27.89 17.43 27.21
C ILE C 73 26.61 16.66 26.89
N SER C 74 25.49 17.27 27.25
CA SER C 74 24.17 16.72 26.95
C SER C 74 23.22 17.86 26.64
N ALA C 75 22.19 17.56 25.85
CA ALA C 75 21.22 18.58 25.47
C ALA C 75 19.99 17.90 24.88
N ASP C 76 18.89 18.65 24.83
CA ASP C 76 17.64 18.19 24.27
C ASP C 76 17.03 19.29 23.40
N THR C 77 16.50 18.91 22.25
CA THR C 77 15.88 19.89 21.35
C THR C 77 14.68 20.55 22.01
N SER C 78 13.79 19.75 22.59
CA SER C 78 12.58 20.30 23.18
C SER C 78 12.90 21.27 24.31
N LYS C 79 13.84 20.91 25.18
CA LYS C 79 14.21 21.77 26.30
C LYS C 79 14.97 23.02 25.86
N ASN C 80 15.52 23.03 24.65
CA ASN C 80 16.29 24.18 24.16
C ASN C 80 17.40 24.54 25.15
N THR C 81 18.03 23.51 25.73
CA THR C 81 19.04 23.71 26.75
C THR C 81 20.01 22.54 26.73
N ALA C 82 21.22 22.78 27.22
CA ALA C 82 22.25 21.77 27.31
C ALA C 82 22.69 21.64 28.76
N TYR C 83 23.25 20.48 29.10
CA TYR C 83 23.76 20.22 30.44
C TYR C 83 25.17 19.66 30.33
N LEU C 84 26.01 20.03 31.29
CA LEU C 84 27.44 19.72 31.25
C LEU C 84 27.73 18.56 32.18
N GLN C 85 28.04 17.40 31.60
CA GLN C 85 28.46 16.27 32.41
C GLN C 85 29.95 16.39 32.72
N MET C 86 30.32 16.02 33.93
CA MET C 86 31.73 15.96 34.31
C MET C 86 31.87 15.17 35.61
N ASN C 87 33.09 14.73 35.87
CA ASN C 87 33.39 13.99 37.09
C ASN C 87 34.91 14.00 37.29
N SER C 88 35.32 13.59 38.49
CA SER C 88 36.73 13.61 38.89
C SER C 88 37.27 15.04 38.78
N LEU C 89 36.73 15.93 39.61
CA LEU C 89 37.03 17.35 39.50
C LEU C 89 38.25 17.72 40.34
N ARG C 90 39.16 18.47 39.72
CA ARG C 90 40.32 19.01 40.41
C ARG C 90 40.04 20.44 40.84
N ALA C 91 40.44 20.77 42.07
CA ALA C 91 40.28 22.13 42.56
C ALA C 91 40.98 23.13 41.64
N GLU C 92 42.10 22.73 41.05
CA GLU C 92 42.82 23.60 40.13
C GLU C 92 42.08 23.77 38.80
N ASP C 93 41.00 23.04 38.56
CA ASP C 93 40.14 23.29 37.40
C ASP C 93 39.22 24.48 37.61
N THR C 94 39.20 25.05 38.81
CA THR C 94 38.36 26.21 39.08
C THR C 94 38.67 27.32 38.09
N ALA C 95 37.68 27.67 37.28
CA ALA C 95 37.85 28.68 36.25
C ALA C 95 36.49 29.30 35.94
N VAL C 96 36.52 30.41 35.22
CA VAL C 96 35.30 31.08 34.78
C VAL C 96 34.90 30.49 33.43
N TYR C 97 33.72 29.87 33.39
CA TYR C 97 33.25 29.21 32.18
C TYR C 97 32.22 30.09 31.48
N TYR C 98 32.19 29.97 30.14
CA TYR C 98 31.33 30.80 29.31
C TYR C 98 30.61 29.94 28.29
N CYS C 99 29.35 30.27 28.02
CA CYS C 99 28.58 29.60 26.99
C CYS C 99 28.44 30.54 25.78
N ALA C 100 28.54 29.96 24.58
CA ALA C 100 28.48 30.75 23.36
C ALA C 100 28.01 29.85 22.22
N ARG C 101 27.54 30.48 21.15
CA ARG C 101 26.99 29.77 20.01
C ARG C 101 27.69 30.21 18.73
N SER C 102 27.80 29.30 17.79
CA SER C 102 28.33 29.58 16.46
C SER C 102 27.41 28.98 15.40
N ARG C 103 27.38 29.62 14.24
CA ARG C 103 26.56 29.13 13.14
C ARG C 103 27.03 27.75 12.70
N GLN C 104 26.06 26.87 12.43
CA GLN C 104 26.40 25.58 11.83
C GLN C 104 26.75 25.76 10.37
N PHE C 105 26.01 26.63 9.67
CA PHE C 105 26.25 26.95 8.26
C PHE C 105 26.56 28.44 8.16
N TRP C 106 27.82 28.83 8.30
CA TRP C 106 28.96 27.94 8.60
C TRP C 106 29.82 28.56 9.68
N TYR C 107 30.53 27.70 10.40
CA TYR C 107 31.35 28.16 11.51
C TYR C 107 32.36 29.20 11.02
N SER C 108 32.19 30.44 11.50
CA SER C 108 33.14 31.50 11.19
C SER C 108 33.43 32.41 12.38
N GLY C 109 32.91 32.11 13.55
CA GLY C 109 33.15 32.94 14.71
C GLY C 109 32.13 32.65 15.80
N LEU C 110 32.26 33.41 16.88
CA LEU C 110 31.34 33.32 18.02
C LEU C 110 30.72 34.70 18.21
N ASP C 111 29.39 34.77 18.05
CA ASP C 111 28.69 36.05 18.15
C ASP C 111 28.08 36.26 19.53
N TYR C 112 27.38 35.26 20.07
CA TYR C 112 26.64 35.39 21.32
C TYR C 112 27.42 34.74 22.44
N TRP C 113 27.60 35.47 23.54
CA TRP C 113 28.28 34.97 24.72
C TRP C 113 27.46 35.28 25.95
N GLY C 114 27.32 34.30 26.83
CA GLY C 114 26.55 34.47 28.04
C GLY C 114 27.30 35.27 29.11
N GLN C 115 26.61 35.45 30.24
CA GLN C 115 27.17 36.17 31.38
C GLN C 115 28.28 35.41 32.08
N GLY C 116 28.50 34.14 31.75
CA GLY C 116 29.55 33.36 32.34
C GLY C 116 29.15 32.70 33.65
N THR C 117 30.07 31.90 34.17
CA THR C 117 29.86 31.22 35.45
C THR C 117 31.23 30.88 36.03
N LEU C 118 31.26 30.62 37.33
CA LEU C 118 32.49 30.34 38.05
C LEU C 118 32.24 29.19 39.01
N VAL C 119 33.33 28.48 39.34
CA VAL C 119 33.29 27.39 40.31
C VAL C 119 34.49 27.55 41.22
N THR C 120 34.39 26.98 42.42
CA THR C 120 35.46 27.09 43.40
C THR C 120 35.23 26.02 44.47
N VAL C 121 36.31 25.69 45.18
CA VAL C 121 36.29 24.66 46.20
C VAL C 121 37.03 25.17 47.43
N SER C 122 36.66 24.65 48.60
CA SER C 122 37.28 25.05 49.85
C SER C 122 38.09 23.89 50.44
N VAL D 5 -15.34 -41.17 -16.93
CA VAL D 5 -15.11 -40.83 -15.50
C VAL D 5 -15.72 -41.90 -14.61
N GLN D 6 -14.93 -42.37 -13.65
CA GLN D 6 -15.37 -43.43 -12.74
C GLN D 6 -14.78 -43.18 -11.36
N LEU D 7 -15.31 -43.89 -10.37
CA LEU D 7 -14.86 -43.80 -9.00
C LEU D 7 -14.39 -45.17 -8.52
N VAL D 8 -13.25 -45.18 -7.82
CA VAL D 8 -12.63 -46.40 -7.34
C VAL D 8 -12.54 -46.32 -5.81
N GLU D 9 -12.84 -47.43 -5.15
CA GLU D 9 -12.83 -47.49 -3.70
C GLU D 9 -12.05 -48.72 -3.23
N SER D 10 -11.47 -48.60 -2.04
CA SER D 10 -10.71 -49.69 -1.44
C SER D 10 -10.37 -49.30 -0.01
N GLY D 11 -9.92 -50.28 0.76
CA GLY D 11 -9.55 -50.09 2.14
C GLY D 11 -10.27 -50.96 3.14
N GLY D 12 -10.88 -52.06 2.71
CA GLY D 12 -11.55 -53.00 3.59
C GLY D 12 -10.89 -54.37 3.58
N GLY D 13 -11.56 -55.30 4.25
CA GLY D 13 -11.07 -56.68 4.29
C GLY D 13 -11.65 -57.44 5.47
N LEU D 14 -10.89 -58.44 5.90
CA LEU D 14 -11.30 -59.34 6.97
C LEU D 14 -10.58 -58.99 8.26
N VAL D 15 -11.33 -58.86 9.35
CA VAL D 15 -10.76 -58.54 10.65
C VAL D 15 -11.51 -59.26 11.76
N GLN D 16 -11.08 -59.04 12.99
CA GLN D 16 -11.79 -59.43 14.19
C GLN D 16 -12.37 -58.18 14.85
N PRO D 17 -13.44 -58.31 15.63
CA PRO D 17 -14.19 -57.11 16.06
C PRO D 17 -13.32 -56.16 16.88
N GLY D 18 -13.83 -54.95 17.04
CA GLY D 18 -13.14 -53.91 17.80
C GLY D 18 -12.31 -52.95 16.99
N GLY D 19 -11.35 -53.45 16.23
CA GLY D 19 -10.50 -52.60 15.42
C GLY D 19 -11.26 -51.90 14.32
N SER D 20 -10.53 -51.28 13.39
CA SER D 20 -11.16 -50.58 12.28
C SER D 20 -10.12 -50.37 11.19
N LEU D 21 -10.61 -49.94 10.02
CA LEU D 21 -9.78 -49.73 8.84
C LEU D 21 -10.08 -48.35 8.27
N ARG D 22 -9.52 -48.08 7.09
CA ARG D 22 -9.75 -46.82 6.39
C ARG D 22 -10.22 -47.13 4.98
N LEU D 23 -11.53 -47.33 4.82
CA LEU D 23 -12.10 -47.42 3.49
C LEU D 23 -11.98 -46.08 2.77
N SER D 24 -11.73 -46.15 1.46
CA SER D 24 -11.48 -44.94 0.70
C SER D 24 -12.28 -44.99 -0.60
N CYS D 25 -12.54 -43.80 -1.15
CA CYS D 25 -13.24 -43.66 -2.42
C CYS D 25 -12.58 -42.53 -3.21
N ALA D 26 -12.05 -42.87 -4.39
CA ALA D 26 -11.29 -41.94 -5.21
C ALA D 26 -12.16 -41.39 -6.31
N ALA D 27 -12.15 -40.07 -6.47
CA ALA D 27 -12.95 -39.39 -7.48
C ALA D 27 -12.14 -39.25 -8.77
N SER D 28 -12.74 -38.60 -9.76
CA SER D 28 -12.08 -38.38 -11.04
C SER D 28 -12.88 -37.37 -11.84
N GLY D 29 -12.17 -36.53 -12.59
CA GLY D 29 -12.78 -35.61 -13.51
C GLY D 29 -13.29 -34.32 -12.90
N PHE D 30 -13.70 -34.37 -11.63
CA PHE D 30 -14.31 -33.22 -10.97
C PHE D 30 -13.84 -33.14 -9.52
N ASN D 31 -13.68 -31.92 -9.04
CA ASN D 31 -13.25 -31.70 -7.67
C ASN D 31 -14.39 -31.99 -6.70
N VAL D 32 -14.05 -31.99 -5.41
CA VAL D 32 -15.06 -32.22 -4.37
C VAL D 32 -16.05 -31.07 -4.34
N TYR D 33 -15.54 -29.83 -4.41
CA TYR D 33 -16.42 -28.66 -4.31
C TYR D 33 -17.51 -28.67 -5.38
N SER D 34 -17.27 -29.31 -6.53
CA SER D 34 -18.29 -29.38 -7.56
C SER D 34 -19.48 -30.23 -7.14
N SER D 35 -19.36 -31.02 -6.06
CA SER D 35 -20.36 -31.99 -5.72
C SER D 35 -20.32 -32.29 -4.23
N SER D 36 -21.16 -33.24 -3.81
CA SER D 36 -21.16 -33.76 -2.46
C SER D 36 -21.22 -35.28 -2.52
N ILE D 37 -20.72 -35.93 -1.48
CA ILE D 37 -20.58 -37.39 -1.44
C ILE D 37 -21.41 -37.94 -0.30
N HIS D 38 -21.88 -39.17 -0.46
CA HIS D 38 -22.63 -39.87 0.59
C HIS D 38 -22.14 -41.31 0.63
N TRP D 39 -22.66 -42.05 1.61
CA TRP D 39 -22.29 -43.44 1.81
C TRP D 39 -23.50 -44.24 2.26
N VAL D 40 -23.61 -45.47 1.77
CA VAL D 40 -24.74 -46.34 2.03
C VAL D 40 -24.25 -47.77 2.20
N ARG D 41 -24.87 -48.49 3.13
CA ARG D 41 -24.56 -49.89 3.38
C ARG D 41 -25.78 -50.74 3.08
N GLN D 42 -25.54 -52.01 2.77
CA GLN D 42 -26.60 -52.96 2.45
C GLN D 42 -26.35 -54.23 3.25
N ALA D 43 -27.18 -54.44 4.28
CA ALA D 43 -27.11 -55.69 5.01
C ALA D 43 -27.56 -56.83 4.11
N PRO D 44 -27.04 -58.04 4.29
CA PRO D 44 -27.39 -59.13 3.38
C PRO D 44 -28.89 -59.31 3.26
N GLY D 45 -29.38 -59.37 2.02
CA GLY D 45 -30.80 -59.51 1.74
C GLY D 45 -31.65 -58.33 2.10
N LYS D 46 -31.10 -57.30 2.72
CA LYS D 46 -31.87 -56.15 3.15
C LYS D 46 -31.78 -55.02 2.11
N GLY D 47 -32.41 -53.90 2.43
CA GLY D 47 -32.41 -52.76 1.53
C GLY D 47 -31.17 -51.89 1.67
N LEU D 48 -31.35 -50.57 1.65
CA LEU D 48 -30.25 -49.63 1.72
C LEU D 48 -30.49 -48.65 2.86
N GLU D 49 -29.41 -48.18 3.48
CA GLU D 49 -29.47 -47.29 4.64
C GLU D 49 -28.33 -46.29 4.55
N TRP D 50 -28.65 -45.02 4.39
CA TRP D 50 -27.64 -43.97 4.39
C TRP D 50 -26.88 -43.99 5.71
N VAL D 51 -25.56 -43.81 5.62
CA VAL D 51 -24.68 -43.86 6.78
C VAL D 51 -23.96 -42.54 7.01
N ALA D 52 -23.47 -41.91 5.94
CA ALA D 52 -22.63 -40.72 6.10
C ALA D 52 -22.65 -39.92 4.82
N SER D 53 -22.10 -38.70 4.91
CA SER D 53 -22.00 -37.82 3.76
C SER D 53 -21.08 -36.66 4.11
N ILE D 54 -20.61 -35.97 3.07
CA ILE D 54 -19.69 -34.85 3.21
C ILE D 54 -20.13 -33.73 2.29
N SER D 55 -20.06 -32.50 2.79
CA SER D 55 -20.36 -31.28 2.01
C SER D 55 -19.10 -30.42 2.05
N SER D 56 -18.21 -30.65 1.09
CA SER D 56 -16.93 -29.93 1.09
C SER D 56 -17.13 -28.43 0.96
N TYR D 57 -18.03 -27.99 0.09
CA TYR D 57 -18.23 -26.57 -0.11
C TYR D 57 -18.67 -25.89 1.17
N TYR D 58 -19.61 -26.51 1.90
CA TYR D 58 -20.09 -25.95 3.15
C TYR D 58 -19.34 -26.47 4.37
N GLY D 59 -18.65 -27.60 4.25
CA GLY D 59 -17.86 -28.15 5.33
C GLY D 59 -18.63 -28.95 6.36
N TYR D 60 -19.95 -29.09 6.21
CA TYR D 60 -20.72 -29.86 7.18
C TYR D 60 -20.43 -31.35 7.03
N THR D 61 -20.78 -32.09 8.09
CA THR D 61 -20.78 -33.54 8.06
C THR D 61 -22.07 -34.03 8.70
N TYR D 62 -22.55 -35.18 8.23
CA TYR D 62 -23.78 -35.75 8.72
C TYR D 62 -23.65 -37.26 8.79
N TYR D 63 -24.17 -37.84 9.86
CA TYR D 63 -24.00 -39.26 10.12
C TYR D 63 -25.27 -39.82 10.74
N ALA D 64 -25.50 -41.10 10.51
CA ALA D 64 -26.63 -41.79 11.12
C ALA D 64 -26.38 -41.99 12.61
N ASP D 65 -27.45 -41.84 13.40
CA ASP D 65 -27.31 -42.03 14.84
C ASP D 65 -26.79 -43.41 15.17
N SER D 66 -27.09 -44.41 14.32
CA SER D 66 -26.57 -45.76 14.54
C SER D 66 -25.05 -45.78 14.56
N VAL D 67 -24.40 -44.82 13.90
CA VAL D 67 -22.95 -44.76 13.85
C VAL D 67 -22.41 -43.39 14.22
N LYS D 68 -23.22 -42.52 14.81
CA LYS D 68 -22.76 -41.18 15.17
C LYS D 68 -21.55 -41.27 16.10
N GLY D 69 -20.53 -40.49 15.81
CA GLY D 69 -19.31 -40.50 16.62
C GLY D 69 -18.38 -41.63 16.31
N ARG D 70 -18.87 -42.88 16.36
CA ARG D 70 -18.05 -44.04 16.08
C ARG D 70 -17.62 -44.12 14.61
N PHE D 71 -18.19 -43.28 13.74
CA PHE D 71 -17.79 -43.22 12.34
C PHE D 71 -17.57 -41.76 11.94
N THR D 72 -16.64 -41.56 11.00
CA THR D 72 -16.37 -40.23 10.48
C THR D 72 -15.71 -40.37 9.12
N ILE D 73 -15.80 -39.30 8.32
CA ILE D 73 -15.26 -39.28 6.97
C ILE D 73 -14.11 -38.29 6.92
N SER D 74 -13.20 -38.50 5.97
CA SER D 74 -12.11 -37.57 5.72
C SER D 74 -11.83 -37.56 4.22
N ALA D 75 -11.29 -36.44 3.74
CA ALA D 75 -10.99 -36.31 2.32
C ALA D 75 -10.05 -35.13 2.11
N ASP D 76 -9.41 -35.12 0.96
CA ASP D 76 -8.50 -34.05 0.56
C ASP D 76 -8.77 -33.66 -0.88
N THR D 77 -8.77 -32.37 -1.16
CA THR D 77 -9.01 -31.90 -2.52
C THR D 77 -7.91 -32.38 -3.47
N SER D 78 -6.65 -32.16 -3.09
CA SER D 78 -5.54 -32.54 -3.96
C SER D 78 -5.53 -34.03 -4.24
N LYS D 79 -5.75 -34.85 -3.21
CA LYS D 79 -5.77 -36.29 -3.39
C LYS D 79 -6.97 -36.78 -4.19
N ASN D 80 -8.01 -35.97 -4.32
CA ASN D 80 -9.23 -36.36 -5.04
C ASN D 80 -9.78 -37.68 -4.51
N THR D 81 -9.72 -37.87 -3.19
CA THR D 81 -10.13 -39.12 -2.58
C THR D 81 -10.59 -38.84 -1.15
N ALA D 82 -11.43 -39.73 -0.64
CA ALA D 82 -11.93 -39.64 0.73
C ALA D 82 -11.57 -40.92 1.46
N TYR D 83 -11.51 -40.82 2.79
CA TYR D 83 -11.21 -41.97 3.64
C TYR D 83 -12.25 -42.03 4.75
N LEU D 84 -12.62 -43.25 5.13
CA LEU D 84 -13.72 -43.51 6.06
C LEU D 84 -13.14 -43.83 7.43
N GLN D 85 -13.31 -42.91 8.37
CA GLN D 85 -12.92 -43.17 9.75
C GLN D 85 -14.04 -43.93 10.46
N MET D 86 -13.66 -44.89 11.30
CA MET D 86 -14.63 -45.58 12.13
C MET D 86 -13.89 -46.34 13.22
N ASN D 87 -14.63 -46.72 14.26
CA ASN D 87 -14.08 -47.48 15.38
C ASN D 87 -15.23 -48.10 16.14
N SER D 88 -14.89 -49.03 17.04
CA SER D 88 -15.89 -49.78 17.80
C SER D 88 -16.82 -50.54 16.84
N LEU D 89 -16.24 -51.48 16.11
CA LEU D 89 -16.97 -52.15 15.03
C LEU D 89 -17.67 -53.40 15.55
N ARG D 90 -18.95 -53.52 15.22
CA ARG D 90 -19.73 -54.70 15.53
C ARG D 90 -19.73 -55.66 14.34
N ALA D 91 -19.59 -56.96 14.62
CA ALA D 91 -19.62 -57.95 13.56
C ALA D 91 -20.91 -57.85 12.75
N GLU D 92 -22.02 -57.56 13.42
CA GLU D 92 -23.29 -57.40 12.72
C GLU D 92 -23.33 -56.17 11.83
N ASP D 93 -22.35 -55.26 11.91
CA ASP D 93 -22.26 -54.16 10.96
C ASP D 93 -21.81 -54.62 9.59
N THR D 94 -21.38 -55.88 9.46
CA THR D 94 -20.93 -56.40 8.18
C THR D 94 -22.01 -56.19 7.12
N ALA D 95 -21.68 -55.39 6.11
CA ALA D 95 -22.62 -55.06 5.06
C ALA D 95 -21.84 -54.68 3.81
N VAL D 96 -22.53 -54.63 2.69
CA VAL D 96 -21.94 -54.22 1.42
C VAL D 96 -22.08 -52.71 1.31
N TYR D 97 -20.94 -52.02 1.27
CA TYR D 97 -20.93 -50.56 1.22
C TYR D 97 -20.69 -50.08 -0.21
N TYR D 98 -21.29 -48.93 -0.53
CA TYR D 98 -21.24 -48.37 -1.87
C TYR D 98 -20.86 -46.90 -1.80
N CYS D 99 -20.04 -46.46 -2.76
CA CYS D 99 -19.70 -45.05 -2.89
C CYS D 99 -20.47 -44.45 -4.06
N ALA D 100 -20.93 -43.21 -3.91
CA ALA D 100 -21.71 -42.55 -4.94
C ALA D 100 -21.58 -41.05 -4.77
N ARG D 101 -21.94 -40.32 -5.83
CA ARG D 101 -21.76 -38.87 -5.86
C ARG D 101 -23.04 -38.21 -6.35
N SER D 102 -23.35 -37.04 -5.78
CA SER D 102 -24.49 -36.24 -6.17
C SER D 102 -24.04 -34.79 -6.40
N ARG D 103 -24.78 -34.09 -7.24
CA ARG D 103 -24.48 -32.69 -7.52
C ARG D 103 -24.61 -31.85 -6.26
N GLN D 104 -23.70 -30.89 -6.10
CA GLN D 104 -23.85 -29.88 -5.05
C GLN D 104 -24.91 -28.88 -5.46
N PHE D 105 -24.91 -28.48 -6.74
CA PHE D 105 -25.89 -27.56 -7.29
C PHE D 105 -26.63 -28.26 -8.42
N TRP D 106 -27.72 -28.97 -8.10
CA TRP D 106 -28.25 -29.16 -6.75
C TRP D 106 -28.62 -30.61 -6.53
N TYR D 107 -28.61 -31.03 -5.27
CA TYR D 107 -28.90 -32.42 -4.95
C TYR D 107 -30.28 -32.81 -5.47
N SER D 108 -30.29 -33.74 -6.44
CA SER D 108 -31.54 -34.28 -6.95
C SER D 108 -31.48 -35.77 -7.24
N GLY D 109 -30.38 -36.44 -6.93
CA GLY D 109 -30.26 -37.86 -7.18
C GLY D 109 -28.82 -38.31 -7.06
N LEU D 110 -28.63 -39.61 -7.31
CA LEU D 110 -27.31 -40.23 -7.30
C LEU D 110 -27.10 -40.87 -8.66
N ASP D 111 -26.19 -40.31 -9.45
CA ASP D 111 -25.95 -40.80 -10.80
C ASP D 111 -24.84 -41.84 -10.85
N TYR D 112 -23.71 -41.58 -10.19
CA TYR D 112 -22.54 -42.43 -10.26
C TYR D 112 -22.44 -43.29 -9.00
N TRP D 113 -22.22 -44.59 -9.19
CA TRP D 113 -22.07 -45.52 -8.08
C TRP D 113 -20.88 -46.42 -8.35
N GLY D 114 -20.07 -46.63 -7.31
CA GLY D 114 -18.91 -47.48 -7.42
C GLY D 114 -19.27 -48.95 -7.41
N GLN D 115 -18.25 -49.78 -7.62
CA GLN D 115 -18.45 -51.23 -7.63
C GLN D 115 -18.83 -51.78 -6.26
N GLY D 116 -18.68 -51.00 -5.20
CA GLY D 116 -19.05 -51.43 -3.87
C GLY D 116 -17.91 -52.13 -3.15
N THR D 117 -18.17 -52.45 -1.89
CA THR D 117 -17.19 -53.13 -1.06
C THR D 117 -17.94 -53.86 0.05
N LEU D 118 -17.25 -54.84 0.66
CA LEU D 118 -17.84 -55.67 1.70
C LEU D 118 -16.83 -55.86 2.82
N VAL D 119 -17.35 -56.09 4.02
CA VAL D 119 -16.53 -56.38 5.19
C VAL D 119 -17.16 -57.57 5.91
N THR D 120 -16.33 -58.26 6.70
CA THR D 120 -16.78 -59.45 7.40
C THR D 120 -15.79 -59.74 8.53
N VAL D 121 -16.24 -60.53 9.50
CA VAL D 121 -15.44 -60.90 10.65
C VAL D 121 -15.61 -62.40 10.90
N SER D 122 -14.57 -63.01 11.47
CA SER D 122 -14.60 -64.43 11.79
C SER D 122 -14.67 -64.64 13.30
N SER E 1 48.73 17.45 16.31
CA SER E 1 49.39 18.62 16.98
C SER E 1 48.54 19.88 16.82
N ASP E 2 48.23 20.51 17.95
CA ASP E 2 47.48 21.75 17.92
C ASP E 2 48.31 22.85 17.25
N ILE E 3 47.74 24.05 17.21
CA ILE E 3 48.42 25.19 16.61
C ILE E 3 49.18 25.92 17.71
N GLN E 4 50.50 25.71 17.76
CA GLN E 4 51.32 26.40 18.73
C GLN E 4 51.52 27.85 18.28
N MET E 5 50.89 28.77 19.00
CA MET E 5 50.58 30.09 18.51
C MET E 5 51.34 31.16 19.30
N THR E 6 51.84 32.16 18.58
CA THR E 6 52.59 33.27 19.14
C THR E 6 52.03 34.58 18.64
N GLN E 7 51.89 35.56 19.54
CA GLN E 7 51.42 36.89 19.16
C GLN E 7 52.15 37.92 20.01
N SER E 8 52.45 39.07 19.42
CA SER E 8 53.17 40.14 20.09
C SER E 8 52.91 41.44 19.33
N PRO E 9 53.13 42.60 19.97
CA PRO E 9 53.57 42.83 21.34
C PRO E 9 52.49 42.56 22.40
N SER E 10 52.91 42.48 23.66
CA SER E 10 51.95 42.19 24.73
C SER E 10 51.03 43.36 24.99
N SER E 11 51.58 44.57 25.10
CA SER E 11 50.78 45.76 25.39
C SER E 11 51.60 46.99 25.06
N LEU E 12 50.92 48.13 25.03
CA LEU E 12 51.54 49.40 24.68
C LEU E 12 50.85 50.54 25.44
N SER E 13 51.62 51.56 25.77
CA SER E 13 51.12 52.79 26.36
C SER E 13 51.50 53.98 25.49
N ALA E 14 50.53 54.82 25.19
CA ALA E 14 50.78 55.98 24.32
C ALA E 14 49.59 56.92 24.41
N SER E 15 49.61 57.93 23.53
CA SER E 15 48.56 58.93 23.50
C SER E 15 47.47 58.54 22.50
N VAL E 16 46.34 59.25 22.57
CA VAL E 16 45.22 58.95 21.69
C VAL E 16 45.53 59.40 20.27
N GLY E 17 44.96 58.67 19.31
CA GLY E 17 45.05 59.01 17.90
C GLY E 17 46.17 58.34 17.14
N ASP E 18 47.20 57.84 17.84
CA ASP E 18 48.30 57.19 17.15
C ASP E 18 47.88 55.82 16.63
N ARG E 19 48.62 55.33 15.63
CA ARG E 19 48.38 54.02 15.06
C ARG E 19 49.29 52.99 15.73
N VAL E 20 48.70 51.89 16.20
CA VAL E 20 49.45 50.83 16.86
C VAL E 20 48.95 49.48 16.32
N THR E 21 49.90 48.58 16.09
CA THR E 21 49.62 47.30 15.47
C THR E 21 49.91 46.16 16.44
N ILE E 22 49.19 45.06 16.26
CA ILE E 22 49.41 43.83 17.01
C ILE E 22 49.61 42.71 16.00
N THR E 23 50.62 41.88 16.25
CA THR E 23 51.04 40.85 15.30
C THR E 23 50.62 39.48 15.80
N CYS E 24 50.46 38.56 14.86
CA CYS E 24 49.97 37.23 15.15
C CYS E 24 50.55 36.25 14.13
N ARG E 25 50.98 35.10 14.63
CA ARG E 25 51.56 34.07 13.78
C ARG E 25 51.33 32.71 14.42
N ALA E 26 51.45 31.66 13.60
CA ALA E 26 51.14 30.31 14.00
C ALA E 26 52.26 29.37 13.56
N SER E 27 52.19 28.14 14.07
CA SER E 27 53.22 27.14 13.80
C SER E 27 53.09 26.52 12.41
N GLN E 28 51.94 26.66 11.74
CA GLN E 28 51.74 26.03 10.44
C GLN E 28 50.76 26.87 9.64
N SER E 29 50.68 26.56 8.34
CA SER E 29 49.80 27.30 7.45
C SER E 29 48.35 27.13 7.90
N VAL E 30 47.60 28.22 7.80
CA VAL E 30 46.20 28.25 8.21
C VAL E 30 45.36 28.88 7.11
N SER E 31 45.97 29.13 5.95
CA SER E 31 45.31 29.82 4.86
C SER E 31 44.69 31.13 5.35
N SER E 32 43.38 31.13 5.61
CA SER E 32 42.69 32.32 6.10
C SER E 32 41.68 31.98 7.18
N ALA E 33 41.77 30.79 7.78
CA ALA E 33 40.86 30.41 8.86
C ALA E 33 41.32 31.03 10.17
N VAL E 34 41.31 32.36 10.23
CA VAL E 34 41.82 33.09 11.40
C VAL E 34 40.80 34.16 11.76
N ALA E 35 40.81 34.57 13.03
CA ALA E 35 39.91 35.60 13.52
C ALA E 35 40.58 36.29 14.70
N TRP E 36 40.04 37.46 15.05
CA TRP E 36 40.53 38.25 16.18
C TRP E 36 39.36 38.55 17.10
N TYR E 37 39.67 38.72 18.40
CA TYR E 37 38.65 38.92 19.40
C TYR E 37 39.09 39.98 20.40
N GLN E 38 38.10 40.59 21.04
CA GLN E 38 38.31 41.65 22.02
C GLN E 38 37.46 41.35 23.25
N GLN E 39 37.96 41.79 24.41
CA GLN E 39 37.24 41.63 25.66
C GLN E 39 37.64 42.73 26.62
N LYS E 40 36.73 43.07 27.52
CA LYS E 40 36.94 44.08 28.54
C LYS E 40 36.79 43.46 29.92
N PRO E 41 37.44 44.02 30.94
CA PRO E 41 37.42 43.40 32.26
C PRO E 41 35.99 43.18 32.75
N GLY E 42 35.73 41.97 33.26
CA GLY E 42 34.42 41.61 33.75
C GLY E 42 33.34 41.50 32.70
N LYS E 43 33.69 41.55 31.42
CA LYS E 43 32.72 41.42 30.33
C LYS E 43 33.10 40.26 29.43
N ALA E 44 32.08 39.73 28.75
CA ALA E 44 32.30 38.62 27.83
C ALA E 44 33.10 39.10 26.61
N PRO E 45 33.77 38.19 25.92
CA PRO E 45 34.54 38.58 24.74
C PRO E 45 33.66 39.15 23.65
N LYS E 46 34.30 39.65 22.60
CA LYS E 46 33.60 40.19 21.44
C LYS E 46 34.43 39.91 20.20
N LEU E 47 33.73 39.56 19.11
CA LEU E 47 34.38 39.26 17.85
C LEU E 47 34.63 40.54 17.06
N LEU E 48 35.84 40.64 16.49
CA LEU E 48 36.23 41.80 15.71
C LEU E 48 36.43 41.46 14.24
N ILE E 49 37.29 40.51 13.92
CA ILE E 49 37.61 40.15 12.54
C ILE E 49 37.52 38.65 12.39
N TYR E 50 36.94 38.21 11.28
CA TYR E 50 36.87 36.79 10.93
C TYR E 50 37.33 36.62 9.50
N SER E 51 37.75 35.39 9.17
CA SER E 51 38.39 35.10 7.89
C SER E 51 39.62 35.98 7.68
N ALA E 52 40.13 36.54 8.79
CA ALA E 52 41.36 37.31 8.84
C ALA E 52 41.24 38.69 8.22
N SER E 53 40.13 39.01 7.55
CA SER E 53 39.96 40.35 7.00
C SER E 53 38.53 40.87 7.16
N SER E 54 37.58 39.98 7.43
CA SER E 54 36.18 40.38 7.43
C SER E 54 35.88 41.28 8.63
N LEU E 55 35.09 42.32 8.41
CA LEU E 55 34.72 43.26 9.45
C LEU E 55 33.28 43.00 9.88
N TYR E 56 33.08 42.85 11.19
CA TYR E 56 31.75 42.58 11.72
C TYR E 56 30.91 43.85 11.69
N SER E 57 29.59 43.66 11.79
CA SER E 57 28.66 44.78 11.75
C SER E 57 28.90 45.72 12.93
N GLY E 58 28.76 47.02 12.67
CA GLY E 58 28.91 48.02 13.70
C GLY E 58 30.32 48.40 14.04
N VAL E 59 31.31 47.82 13.38
CA VAL E 59 32.71 48.12 13.72
C VAL E 59 33.11 49.46 13.09
N PRO E 60 33.65 50.40 13.86
CA PRO E 60 34.17 51.63 13.25
C PRO E 60 35.29 51.32 12.27
N SER E 61 35.41 52.19 11.26
CA SER E 61 36.37 51.95 10.18
C SER E 61 37.79 51.78 10.70
N ARG E 62 38.14 52.44 11.81
CA ARG E 62 39.53 52.47 12.23
C ARG E 62 40.08 51.08 12.56
N PHE E 63 39.22 50.09 12.75
CA PHE E 63 39.68 48.73 13.00
C PHE E 63 40.18 48.12 11.70
N SER E 64 41.35 47.47 11.75
CA SER E 64 41.98 46.95 10.54
C SER E 64 42.85 45.76 10.87
N GLY E 65 43.14 44.97 9.84
CA GLY E 65 44.02 43.82 9.98
C GLY E 65 44.33 43.27 8.60
N SER E 66 45.35 42.40 8.57
CA SER E 66 45.79 41.84 7.31
C SER E 66 46.61 40.58 7.56
N ARG E 67 46.76 39.79 6.50
CA ARG E 67 47.57 38.58 6.51
C ARG E 67 48.84 38.80 5.70
N SER E 68 49.93 38.17 6.13
CA SER E 68 51.20 38.18 5.42
C SER E 68 51.80 36.78 5.51
N GLY E 69 51.52 35.96 4.51
CA GLY E 69 52.00 34.58 4.54
C GLY E 69 51.45 33.85 5.74
N THR E 70 52.35 33.28 6.55
CA THR E 70 51.96 32.61 7.78
C THR E 70 51.97 33.54 8.99
N ASP E 71 52.22 34.82 8.77
CA ASP E 71 52.17 35.83 9.82
C ASP E 71 50.92 36.68 9.62
N PHE E 72 50.35 37.11 10.74
CA PHE E 72 49.04 37.77 10.73
C PHE E 72 49.10 38.99 11.65
N THR E 73 48.25 39.97 11.37
CA THR E 73 48.35 41.25 12.06
C THR E 73 46.97 41.89 12.12
N LEU E 74 46.71 42.55 13.26
CA LEU E 74 45.57 43.42 13.45
C LEU E 74 46.07 44.79 13.90
N THR E 75 45.35 45.83 13.53
CA THR E 75 45.84 47.19 13.74
C THR E 75 44.67 48.15 13.81
N ILE E 76 44.88 49.23 14.56
CA ILE E 76 43.94 50.35 14.62
C ILE E 76 44.61 51.54 13.93
N SER E 77 43.93 52.09 12.92
CA SER E 77 44.51 53.21 12.19
C SER E 77 44.76 54.41 13.09
N SER E 78 43.80 54.73 13.95
CA SER E 78 43.96 55.81 14.92
C SER E 78 43.16 55.45 16.15
N LEU E 79 43.80 55.41 17.31
CA LEU E 79 43.15 54.94 18.51
C LEU E 79 42.24 56.01 19.11
N GLN E 80 41.33 55.55 19.97
CA GLN E 80 40.45 56.41 20.74
C GLN E 80 40.51 55.98 22.20
N PRO E 81 40.18 56.88 23.13
CA PRO E 81 40.28 56.52 24.55
C PRO E 81 39.44 55.31 24.94
N GLU E 82 38.24 55.17 24.38
CA GLU E 82 37.36 54.08 24.75
C GLU E 82 37.88 52.71 24.32
N ASP E 83 38.91 52.66 23.49
CA ASP E 83 39.38 51.40 22.93
C ASP E 83 40.31 50.63 23.86
N PHE E 84 40.65 51.19 25.02
CA PHE E 84 41.48 50.48 25.98
C PHE E 84 40.81 49.17 26.40
N ALA E 85 41.40 48.04 26.03
CA ALA E 85 40.79 46.75 26.32
C ALA E 85 41.77 45.63 25.98
N THR E 86 41.31 44.40 26.19
CA THR E 86 42.08 43.20 25.86
C THR E 86 41.67 42.69 24.48
N TYR E 87 42.63 42.10 23.79
CA TYR E 87 42.43 41.63 22.42
C TYR E 87 43.08 40.27 22.24
N TYR E 88 42.49 39.46 21.37
CA TYR E 88 42.96 38.11 21.12
C TYR E 88 42.98 37.82 19.63
N CYS E 89 44.06 37.21 19.18
CA CYS E 89 44.13 36.58 17.88
C CYS E 89 43.65 35.15 18.01
N GLN E 90 42.85 34.69 17.04
CA GLN E 90 42.19 33.41 17.15
C GLN E 90 42.22 32.66 15.82
N GLN E 91 42.45 31.36 15.90
CA GLN E 91 42.41 30.46 14.75
C GLN E 91 41.32 29.41 14.95
N TYR E 92 40.84 28.87 13.82
CA TYR E 92 39.81 27.82 13.90
C TYR E 92 39.98 26.72 12.84
N LYS E 93 41.18 26.51 12.30
CA LYS E 93 41.30 25.57 11.19
C LYS E 93 41.26 24.12 11.64
N TYR E 94 41.79 23.81 12.83
CA TYR E 94 41.86 22.44 13.30
C TYR E 94 41.44 22.38 14.76
N VAL E 95 40.98 21.20 15.17
CA VAL E 95 40.76 20.90 16.59
C VAL E 95 42.03 20.23 17.11
N PRO E 96 42.44 20.49 18.37
CA PRO E 96 41.78 21.38 19.33
C PRO E 96 41.96 22.85 19.00
N VAL E 97 40.91 23.64 19.21
CA VAL E 97 40.99 25.08 18.97
C VAL E 97 41.87 25.71 20.03
N THR E 98 42.60 26.75 19.64
CA THR E 98 43.58 27.37 20.52
C THR E 98 43.47 28.89 20.44
N PHE E 99 43.74 29.54 21.57
CA PHE E 99 43.76 31.00 21.64
C PHE E 99 45.19 31.48 21.91
N GLY E 100 45.33 32.81 21.98
CA GLY E 100 46.58 33.40 22.38
C GLY E 100 46.58 33.82 23.84
N GLN E 101 47.72 34.32 24.30
CA GLN E 101 47.82 34.79 25.68
C GLN E 101 46.89 35.95 25.94
N GLY E 102 46.82 36.90 25.00
CA GLY E 102 45.99 38.07 25.12
C GLY E 102 46.72 39.32 24.70
N THR E 103 46.17 40.46 25.13
CA THR E 103 46.74 41.75 24.81
C THR E 103 46.26 42.77 25.85
N LYS E 104 47.00 43.87 25.96
CA LYS E 104 46.65 44.93 26.90
C LYS E 104 46.83 46.27 26.21
N VAL E 105 46.06 47.26 26.67
CA VAL E 105 46.12 48.62 26.17
C VAL E 105 46.19 49.56 27.36
N GLU E 106 47.05 50.58 27.26
CA GLU E 106 47.25 51.51 28.36
C GLU E 106 47.83 52.83 27.87
N SER F 1 -37.87 -36.39 13.48
CA SER F 1 -38.28 -37.77 13.14
C SER F 1 -38.05 -38.06 11.65
N ASP F 2 -37.46 -39.22 11.37
CA ASP F 2 -37.21 -39.60 9.99
C ASP F 2 -38.52 -39.83 9.25
N ILE F 3 -38.41 -40.11 7.95
CA ILE F 3 -39.58 -40.33 7.11
C ILE F 3 -39.89 -41.83 7.12
N GLN F 4 -40.92 -42.22 7.86
CA GLN F 4 -41.39 -43.60 7.83
C GLN F 4 -42.12 -43.86 6.52
N MET F 5 -41.52 -44.72 5.68
CA MET F 5 -41.94 -44.90 4.31
C MET F 5 -42.53 -46.29 4.10
N THR F 6 -43.68 -46.32 3.41
CA THR F 6 -44.39 -47.54 3.09
C THR F 6 -44.54 -47.67 1.59
N GLN F 7 -44.16 -48.83 1.06
CA GLN F 7 -44.25 -49.07 -0.38
C GLN F 7 -44.86 -50.45 -0.60
N SER F 8 -45.79 -50.55 -1.54
CA SER F 8 -46.43 -51.81 -1.87
C SER F 8 -47.02 -51.69 -3.27
N PRO F 9 -47.27 -52.83 -3.95
CA PRO F 9 -47.04 -54.22 -3.53
C PRO F 9 -45.58 -54.61 -3.50
N SER F 10 -45.29 -55.75 -2.86
CA SER F 10 -43.90 -56.20 -2.74
C SER F 10 -43.35 -56.71 -4.07
N SER F 11 -44.12 -57.53 -4.78
CA SER F 11 -43.67 -58.09 -6.05
C SER F 11 -44.88 -58.65 -6.78
N LEU F 12 -44.68 -58.96 -8.07
CA LEU F 12 -45.74 -59.45 -8.94
C LEU F 12 -45.16 -60.38 -9.98
N SER F 13 -45.93 -61.40 -10.35
CA SER F 13 -45.60 -62.32 -11.43
C SER F 13 -46.71 -62.25 -12.48
N ALA F 14 -46.31 -62.09 -13.74
CA ALA F 14 -47.29 -61.98 -14.82
C ALA F 14 -46.58 -62.13 -16.15
N SER F 15 -47.32 -61.88 -17.22
CA SER F 15 -46.79 -62.00 -18.57
C SER F 15 -46.26 -60.66 -19.07
N VAL F 16 -45.53 -60.72 -20.18
CA VAL F 16 -44.91 -59.52 -20.74
C VAL F 16 -45.98 -58.61 -21.37
N GLY F 17 -45.72 -57.31 -21.31
CA GLY F 17 -46.57 -56.32 -21.96
C GLY F 17 -47.65 -55.74 -21.08
N ASP F 18 -47.99 -56.38 -19.96
CA ASP F 18 -49.04 -55.86 -19.10
C ASP F 18 -48.54 -54.65 -18.31
N ARG F 19 -49.49 -53.84 -17.85
CA ARG F 19 -49.18 -52.67 -17.04
C ARG F 19 -49.27 -53.02 -15.57
N VAL F 20 -48.22 -52.68 -14.81
CA VAL F 20 -48.16 -52.95 -13.38
C VAL F 20 -47.61 -51.73 -12.68
N THR F 21 -48.21 -51.41 -11.53
CA THR F 21 -47.89 -50.20 -10.79
C THR F 21 -47.32 -50.55 -9.43
N ILE F 22 -46.43 -49.68 -8.95
CA ILE F 22 -45.87 -49.79 -7.61
C ILE F 22 -46.14 -48.47 -6.89
N THR F 23 -46.60 -48.56 -5.65
CA THR F 23 -47.06 -47.39 -4.90
C THR F 23 -46.11 -47.10 -3.76
N CYS F 24 -46.14 -45.85 -3.30
CA CYS F 24 -45.26 -45.38 -2.25
C CYS F 24 -45.95 -44.26 -1.49
N ARG F 25 -45.74 -44.22 -0.18
CA ARG F 25 -46.32 -43.19 0.66
C ARG F 25 -45.42 -42.98 1.87
N ALA F 26 -45.58 -41.81 2.50
CA ALA F 26 -44.70 -41.39 3.58
C ALA F 26 -45.53 -40.93 4.76
N SER F 27 -44.86 -40.79 5.91
CA SER F 27 -45.53 -40.39 7.14
C SER F 27 -45.92 -38.92 7.17
N GLN F 28 -45.31 -38.10 6.30
CA GLN F 28 -45.58 -36.67 6.32
C GLN F 28 -45.42 -36.12 4.91
N SER F 29 -45.86 -34.87 4.74
CA SER F 29 -45.79 -34.23 3.43
C SER F 29 -44.34 -34.07 3.00
N VAL F 30 -44.09 -34.32 1.72
CA VAL F 30 -42.76 -34.21 1.13
C VAL F 30 -42.83 -33.40 -0.15
N SER F 31 -43.93 -32.69 -0.34
CA SER F 31 -44.14 -31.90 -1.57
C SER F 31 -43.85 -32.76 -2.80
N SER F 32 -42.68 -32.57 -3.40
CA SER F 32 -42.27 -33.36 -4.56
C SER F 32 -40.81 -33.77 -4.48
N ALA F 33 -40.21 -33.70 -3.29
CA ALA F 33 -38.82 -34.10 -3.10
C ALA F 33 -38.71 -35.61 -2.93
N VAL F 34 -39.08 -36.32 -4.00
CA VAL F 34 -39.12 -37.78 -4.00
C VAL F 34 -38.45 -38.27 -5.28
N ALA F 35 -37.93 -39.51 -5.21
CA ALA F 35 -37.30 -40.14 -6.36
C ALA F 35 -37.48 -41.64 -6.25
N TRP F 36 -37.26 -42.33 -7.36
CA TRP F 36 -37.38 -43.77 -7.44
C TRP F 36 -36.09 -44.34 -7.99
N TYR F 37 -35.75 -45.56 -7.57
CA TYR F 37 -34.48 -46.17 -7.93
C TYR F 37 -34.68 -47.63 -8.29
N GLN F 38 -33.71 -48.14 -9.06
CA GLN F 38 -33.74 -49.51 -9.55
C GLN F 38 -32.37 -50.15 -9.31
N GLN F 39 -32.37 -51.46 -9.19
CA GLN F 39 -31.12 -52.20 -9.04
C GLN F 39 -31.33 -53.64 -9.49
N LYS F 40 -30.24 -54.26 -9.92
CA LYS F 40 -30.24 -55.64 -10.35
C LYS F 40 -29.27 -56.45 -9.49
N PRO F 41 -29.49 -57.76 -9.35
CA PRO F 41 -28.65 -58.55 -8.43
C PRO F 41 -27.18 -58.44 -8.79
N GLY F 42 -26.35 -58.19 -7.77
CA GLY F 42 -24.93 -58.05 -7.96
C GLY F 42 -24.50 -56.81 -8.71
N LYS F 43 -25.40 -55.86 -8.95
CA LYS F 43 -25.08 -54.62 -9.65
C LYS F 43 -25.47 -53.43 -8.79
N ALA F 44 -24.80 -52.31 -9.04
CA ALA F 44 -25.08 -51.09 -8.29
C ALA F 44 -26.46 -50.56 -8.67
N PRO F 45 -27.07 -49.74 -7.82
CA PRO F 45 -28.41 -49.22 -8.12
C PRO F 45 -28.37 -48.31 -9.34
N LYS F 46 -29.57 -47.86 -9.73
CA LYS F 46 -29.72 -46.94 -10.86
C LYS F 46 -30.90 -46.03 -10.60
N LEU F 47 -30.74 -44.76 -10.96
CA LEU F 47 -31.78 -43.76 -10.77
C LEU F 47 -32.75 -43.80 -11.94
N LEU F 48 -34.05 -43.73 -11.61
CA LEU F 48 -35.10 -43.76 -12.62
C LEU F 48 -35.86 -42.44 -12.69
N ILE F 49 -36.42 -41.98 -11.58
CA ILE F 49 -37.23 -40.77 -11.56
C ILE F 49 -36.77 -39.90 -10.40
N TYR F 50 -36.64 -38.60 -10.66
CA TYR F 50 -36.33 -37.62 -9.63
C TYR F 50 -37.36 -36.50 -9.69
N SER F 51 -37.50 -35.80 -8.58
CA SER F 51 -38.57 -34.81 -8.43
C SER F 51 -39.95 -35.45 -8.59
N ALA F 52 -39.99 -36.78 -8.49
CA ALA F 52 -41.21 -37.58 -8.53
C ALA F 52 -41.82 -37.68 -9.92
N SER F 53 -41.33 -36.92 -10.89
CA SER F 53 -41.86 -37.02 -12.25
C SER F 53 -40.76 -37.01 -13.31
N SER F 54 -39.60 -36.45 -12.99
CA SER F 54 -38.57 -36.23 -13.99
C SER F 54 -38.01 -37.56 -14.48
N LEU F 55 -37.82 -37.68 -15.80
CA LEU F 55 -37.27 -38.87 -16.41
C LEU F 55 -35.81 -38.65 -16.75
N TYR F 56 -34.97 -39.61 -16.34
CA TYR F 56 -33.54 -39.51 -16.61
C TYR F 56 -33.24 -39.83 -18.06
N SER F 57 -32.05 -39.42 -18.51
CA SER F 57 -31.65 -39.62 -19.89
C SER F 57 -31.58 -41.11 -20.21
N GLY F 58 -31.99 -41.47 -21.43
CA GLY F 58 -31.92 -42.84 -21.89
C GLY F 58 -33.04 -43.75 -21.42
N VAL F 59 -33.99 -43.23 -20.66
CA VAL F 59 -35.07 -44.08 -20.14
C VAL F 59 -36.12 -44.30 -21.22
N PRO F 60 -36.48 -45.55 -21.54
CA PRO F 60 -37.58 -45.77 -22.47
C PRO F 60 -38.88 -45.17 -21.95
N SER F 61 -39.73 -44.76 -22.88
CA SER F 61 -40.96 -44.04 -22.51
C SER F 61 -41.81 -44.84 -21.54
N ARG F 62 -41.81 -46.17 -21.65
CA ARG F 62 -42.75 -46.97 -20.87
C ARG F 62 -42.61 -46.76 -19.37
N PHE F 63 -41.47 -46.27 -18.91
CA PHE F 63 -41.32 -45.96 -17.48
C PHE F 63 -42.17 -44.75 -17.14
N SER F 64 -42.89 -44.81 -16.03
CA SER F 64 -43.82 -43.75 -15.67
C SER F 64 -44.01 -43.71 -14.17
N GLY F 65 -44.53 -42.59 -13.70
CA GLY F 65 -44.84 -42.40 -12.29
C GLY F 65 -45.55 -41.08 -12.11
N SER F 66 -46.16 -40.93 -10.93
CA SER F 66 -46.93 -39.73 -10.64
C SER F 66 -47.12 -39.59 -9.14
N ARG F 67 -47.48 -38.38 -8.73
CA ARG F 67 -47.78 -38.07 -7.34
C ARG F 67 -49.29 -37.98 -7.14
N SER F 68 -49.74 -38.39 -5.95
CA SER F 68 -51.15 -38.29 -5.57
C SER F 68 -51.20 -37.83 -4.12
N GLY F 69 -51.27 -36.52 -3.91
CA GLY F 69 -51.27 -35.98 -2.56
C GLY F 69 -50.01 -36.39 -1.84
N THR F 70 -50.19 -37.03 -0.68
CA THR F 70 -49.07 -37.56 0.09
C THR F 70 -48.75 -39.01 -0.27
N ASP F 71 -49.42 -39.56 -1.26
CA ASP F 71 -49.15 -40.90 -1.76
C ASP F 71 -48.50 -40.79 -3.13
N PHE F 72 -47.60 -41.73 -3.43
CA PHE F 72 -46.76 -41.64 -4.61
C PHE F 72 -46.72 -43.00 -5.30
N THR F 73 -46.46 -42.98 -6.60
CA THR F 73 -46.60 -44.18 -7.41
C THR F 73 -45.64 -44.12 -8.58
N LEU F 74 -45.09 -45.28 -8.92
CA LEU F 74 -44.31 -45.49 -10.13
C LEU F 74 -44.91 -46.65 -10.90
N THR F 75 -44.81 -46.61 -12.23
CA THR F 75 -45.52 -47.56 -13.05
C THR F 75 -44.84 -47.68 -14.40
N ILE F 76 -44.98 -48.87 -15.01
CA ILE F 76 -44.55 -49.13 -16.38
C ILE F 76 -45.80 -49.44 -17.20
N SER F 77 -45.98 -48.70 -18.30
CA SER F 77 -47.19 -48.88 -19.10
C SER F 77 -47.28 -50.28 -19.67
N SER F 78 -46.17 -50.81 -20.18
CA SER F 78 -46.14 -52.16 -20.72
C SER F 78 -44.76 -52.73 -20.44
N LEU F 79 -44.71 -53.88 -19.76
CA LEU F 79 -43.44 -54.42 -19.32
C LEU F 79 -42.75 -55.16 -20.45
N GLN F 80 -41.44 -55.38 -20.27
CA GLN F 80 -40.61 -56.15 -21.17
C GLN F 80 -39.81 -57.19 -20.37
N PRO F 81 -39.39 -58.27 -21.01
CA PRO F 81 -38.67 -59.32 -20.25
C PRO F 81 -37.43 -58.81 -19.54
N GLU F 82 -36.67 -57.91 -20.15
CA GLU F 82 -35.43 -57.42 -19.55
C GLU F 82 -35.66 -56.58 -18.31
N ASP F 83 -36.91 -56.20 -18.01
CA ASP F 83 -37.19 -55.28 -16.93
C ASP F 83 -37.29 -55.96 -15.56
N PHE F 84 -37.14 -57.29 -15.50
CA PHE F 84 -37.17 -58.00 -14.23
C PHE F 84 -36.03 -57.52 -13.35
N ALA F 85 -36.34 -56.81 -12.27
CA ALA F 85 -35.30 -56.25 -11.41
C ALA F 85 -35.93 -55.74 -10.12
N THR F 86 -35.11 -55.09 -9.30
CA THR F 86 -35.51 -54.56 -8.00
C THR F 86 -35.69 -53.04 -8.12
N TYR F 87 -36.67 -52.51 -7.40
CA TYR F 87 -37.01 -51.10 -7.48
C TYR F 87 -37.25 -50.53 -6.09
N TYR F 88 -36.92 -49.26 -5.92
CA TYR F 88 -37.00 -48.59 -4.63
C TYR F 88 -37.62 -47.21 -4.79
N CYS F 89 -38.50 -46.86 -3.87
CA CYS F 89 -38.98 -45.50 -3.72
C CYS F 89 -38.11 -44.76 -2.70
N GLN F 90 -37.75 -43.53 -3.03
CA GLN F 90 -36.73 -42.81 -2.27
C GLN F 90 -37.12 -41.35 -2.07
N GLN F 91 -36.92 -40.85 -0.85
CA GLN F 91 -37.13 -39.45 -0.52
C GLN F 91 -35.81 -38.78 -0.16
N TYR F 92 -35.79 -37.45 -0.29
CA TYR F 92 -34.59 -36.69 0.07
C TYR F 92 -34.88 -35.36 0.76
N LYS F 93 -36.08 -35.17 1.31
CA LYS F 93 -36.44 -33.85 1.82
C LYS F 93 -35.78 -33.56 3.17
N TYR F 94 -35.56 -34.59 3.99
CA TYR F 94 -35.02 -34.39 5.33
C TYR F 94 -33.93 -35.42 5.61
N VAL F 95 -33.04 -35.07 6.54
CA VAL F 95 -32.08 -36.02 7.08
C VAL F 95 -32.62 -36.51 8.42
N PRO F 96 -32.40 -37.77 8.80
CA PRO F 96 -31.66 -38.79 8.03
C PRO F 96 -32.44 -39.28 6.81
N VAL F 97 -31.73 -39.46 5.70
CA VAL F 97 -32.36 -39.94 4.48
C VAL F 97 -32.73 -41.42 4.66
N THR F 98 -33.88 -41.81 4.10
CA THR F 98 -34.42 -43.15 4.30
C THR F 98 -34.86 -43.74 2.98
N PHE F 99 -34.72 -45.06 2.87
CA PHE F 99 -35.15 -45.82 1.70
C PHE F 99 -36.33 -46.72 2.04
N GLY F 100 -36.88 -47.35 1.01
CA GLY F 100 -37.85 -48.39 1.21
C GLY F 100 -37.21 -49.77 1.25
N GLN F 101 -38.04 -50.77 1.56
CA GLN F 101 -37.53 -52.15 1.59
C GLN F 101 -37.07 -52.57 0.21
N GLY F 102 -37.80 -52.19 -0.82
CA GLY F 102 -37.49 -52.56 -2.19
C GLY F 102 -38.70 -53.11 -2.92
N THR F 103 -38.42 -53.75 -4.05
CA THR F 103 -39.46 -54.34 -4.86
C THR F 103 -38.86 -55.51 -5.64
N LYS F 104 -39.73 -56.39 -6.11
CA LYS F 104 -39.31 -57.57 -6.86
C LYS F 104 -40.20 -57.72 -8.09
N VAL F 105 -39.62 -58.32 -9.14
CA VAL F 105 -40.32 -58.60 -10.38
C VAL F 105 -40.09 -60.06 -10.73
N GLU F 106 -41.14 -60.72 -11.22
CA GLU F 106 -41.05 -62.13 -11.56
C GLU F 106 -42.16 -62.53 -12.53
N GLU G 8 -46.21 -19.30 8.18
CA GLU G 8 -45.89 -20.58 7.50
C GLU G 8 -46.32 -20.53 6.02
N SEP G 9 -45.52 -21.15 5.16
CA SEP G 9 -45.82 -21.19 3.74
CB SEP G 9 -44.56 -21.46 2.93
OG SEP G 9 -43.46 -20.72 3.45
C SEP G 9 -46.87 -22.27 3.47
O SEP G 9 -47.28 -22.98 4.39
P SEP G 9 -43.30 -19.33 2.64
O1P SEP G 9 -44.72 -18.60 2.53
O2P SEP G 9 -42.25 -18.38 3.42
O3P SEP G 9 -42.73 -19.64 1.17
N GLU G 10 -47.28 -22.40 2.22
CA GLU G 10 -48.29 -23.38 1.85
C GLU G 10 -48.20 -23.75 0.37
N SEP G 11 -48.49 -25.01 0.06
CA SEP G 11 -48.45 -25.50 -1.31
CB SEP G 11 -47.39 -26.59 -1.45
OG SEP G 11 -47.71 -27.72 -0.66
C SEP G 11 -49.81 -26.05 -1.73
O SEP G 11 -50.62 -26.41 -0.89
P SEP G 11 -47.07 -29.05 -1.30
O1P SEP G 11 -47.75 -29.34 -2.73
O2P SEP G 11 -47.32 -30.30 -0.32
O3P SEP G 11 -45.48 -28.83 -1.49
N SEP G 12 -50.03 -26.10 -3.05
CA SEP G 12 -51.27 -26.65 -3.59
CB SEP G 12 -52.24 -25.53 -3.95
OG SEP G 12 -53.36 -25.52 -3.06
C SEP G 12 -50.99 -27.50 -4.82
O SEP G 12 -49.87 -27.54 -5.32
P SEP G 12 -54.46 -26.59 -3.55
O1P SEP G 12 -54.95 -26.22 -5.04
O2P SEP G 12 -55.73 -26.53 -2.55
O3P SEP G 12 -53.85 -28.07 -3.54
N SEP G 13 -52.02 -28.20 -5.29
CA SEP G 13 -51.89 -29.09 -6.44
CB SEP G 13 -52.55 -30.44 -6.13
OG SEP G 13 -52.53 -31.28 -7.27
C SEP G 13 -52.50 -28.49 -7.69
O SEP G 13 -52.95 -27.35 -7.70
P SEP G 13 -53.81 -32.26 -7.25
O1P SEP G 13 -55.16 -31.39 -7.35
O2P SEP G 13 -53.73 -33.27 -8.51
O3P SEP G 13 -53.80 -33.11 -5.88
N PHE G 14 -52.52 -29.29 -8.76
CA PHE G 14 -53.11 -28.88 -10.02
C PHE G 14 -53.55 -30.13 -10.79
N HIS G 15 -54.82 -30.50 -10.64
CA HIS G 15 -55.32 -31.74 -11.22
C HIS G 15 -55.86 -31.50 -12.63
N SEP G 16 -55.15 -30.68 -13.40
CA SEP G 16 -55.54 -30.39 -14.77
CB SEP G 16 -55.25 -28.92 -15.11
OG SEP G 16 -53.88 -28.62 -14.95
C SEP G 16 -54.80 -31.29 -15.75
O SEP G 16 -53.89 -32.03 -15.36
P SEP G 16 -53.71 -27.12 -14.40
O1P SEP G 16 -54.65 -26.13 -15.26
O2P SEP G 16 -52.18 -26.66 -14.54
O3P SEP G 16 -54.16 -27.06 -12.86
N GLU H 8 48.19 17.00 -3.94
CA GLU H 8 47.04 17.78 -3.39
C GLU H 8 47.08 19.23 -3.84
N SEP H 9 45.91 19.83 -3.97
CA SEP H 9 45.81 21.23 -4.37
CB SEP H 9 44.35 21.66 -4.50
OG SEP H 9 43.66 21.49 -3.28
C SEP H 9 46.53 22.12 -3.36
O SEP H 9 46.72 21.74 -2.21
P SEP H 9 42.64 20.25 -3.38
O1P SEP H 9 41.50 20.58 -4.45
O2P SEP H 9 43.46 18.94 -3.86
O3P SEP H 9 41.99 19.98 -1.94
N GLU H 10 46.91 23.32 -3.79
CA GLU H 10 47.62 24.26 -2.93
C GLU H 10 47.03 25.65 -3.07
N SEP H 11 47.34 26.52 -2.11
CA SEP H 11 46.84 27.89 -2.12
CB SEP H 11 46.19 28.24 -0.78
OG SEP H 11 47.14 28.21 0.28
C SEP H 11 47.97 28.87 -2.41
O SEP H 11 49.12 28.64 -2.05
P SEP H 11 46.94 29.50 1.21
O1P SEP H 11 47.35 30.84 0.41
O2P SEP H 11 45.40 29.60 1.66
O3P SEP H 11 47.87 29.36 2.52
N SEP H 12 47.62 29.97 -3.07
CA SEP H 12 48.58 31.04 -3.37
CB SEP H 12 48.93 31.04 -4.85
OG SEP H 12 50.30 30.73 -5.05
C SEP H 12 48.01 32.39 -2.96
O SEP H 12 46.81 32.56 -2.83
P SEP H 12 51.22 32.03 -4.82
O1P SEP H 12 50.68 33.25 -5.74
O2P SEP H 12 52.74 31.70 -5.24
O3P SEP H 12 51.18 32.47 -3.28
N SEP H 13 48.90 33.36 -2.75
CA SEP H 13 48.50 34.70 -2.38
CB SEP H 13 49.41 35.26 -1.28
OG SEP H 13 50.73 35.45 -1.78
C SEP H 13 48.52 35.62 -3.59
O SEP H 13 49.02 35.25 -4.66
P SEP H 13 51.23 36.93 -1.37
O1P SEP H 13 50.22 38.03 -1.96
O2P SEP H 13 51.29 37.06 0.23
O3P SEP H 13 52.71 37.18 -1.98
N PHE H 14 48.06 36.85 -3.39
CA PHE H 14 48.06 37.83 -4.51
C PHE H 14 48.49 39.19 -3.96
N HIS H 15 49.64 39.68 -4.42
CA HIS H 15 50.11 41.02 -3.99
C HIS H 15 49.09 42.08 -4.38
N SEP H 16 48.01 41.69 -5.07
CA SEP H 16 46.93 42.64 -5.43
CB SEP H 16 45.64 41.88 -5.68
OG SEP H 16 45.93 40.75 -6.52
C SEP H 16 46.77 43.68 -4.32
O SEP H 16 46.54 43.23 -3.17
P SEP H 16 46.10 41.00 -8.10
O1P SEP H 16 45.83 42.46 -8.33
O2P SEP H 16 47.51 40.59 -8.42
O3P SEP H 16 45.06 40.09 -8.75
#